data_6JZ6
#
_entry.id   6JZ6
#
_cell.length_a   161.945
_cell.length_b   102.533
_cell.length_c   111.961
_cell.angle_alpha   90.000
_cell.angle_beta   130.910
_cell.angle_gamma   90.000
#
_symmetry.space_group_name_H-M   'C 1 2 1'
#
loop_
_entity.id
_entity.type
_entity.pdbx_description
1 polymer Beta-glucuronidase
2 non-polymer '(2~{S},3~{S},4~{R},5~{R})-4,5-bis(oxidanyl)-2-propyl-piperidine-3-carboxylic acid'
3 water water
#
_entity_poly.entity_id   1
_entity_poly.type   'polypeptide(L)'
_entity_poly.pdbx_seq_one_letter_code
;MLEYSELYPIQNEYRMMQSLDGMWKFQFDPEEIGKKSGWENGLPAPVSMPVPSSFADFFTDHKERDYCGDFWYETEFYLP
AEWRNKKIWLRFGSITHRGTVYCNGMEITSHEGGFLPVLADISTVAKPGQVNQVVVKINNELNETSLPCGATKILNNGRK
LAKPYFDFFNYSGLQRSVWVIALPEESVKDYSVDYELCGTDALVKYEVVTTGEHPVIVRLLDAEGELVAETEGKEGILQV
ANARLWEVRNAYLYQIVILITDGNGVLDEYREKIGIRTVRIEGTKILLNDRPVYLKGFGKHEDFPILGRGFHWGIVKRDF
ECLKWTNANCFRTSHYPYAEEWYQFADEEGFLIIDEVPAVGMMRSTRNFVAAGSGNYTYFFEALTVPELLKSHIADTEEM
ITRDKNHPSVIAWSLFNEPETITDYAYEYFKEVFAAAETYDFQSRPMTGAFEKNSKPELCKCYPLCDFICLNRYYGWYIS
GGPEIEEAEELFRDEMDRWKAKELNVPFVFTEFGTDTMAGLHKLPSIMWSEEYQKEYLEMNFRVFDSYEFVQGELAWNFA
DFQTTEGIMRVDGNHKGVFTRDRQPKAAAVVFKDRWEKKNELF
;
_entity_poly.pdbx_strand_id   A,B
#
loop_
_chem_comp.id
_chem_comp.type
_chem_comp.name
_chem_comp.formula
CKX non-polymer '(2~{S},3~{S},4~{R},5~{R})-4,5-bis(oxidanyl)-2-propyl-piperidine-3-carboxylic acid' 'C9 H17 N O4'
#
# COMPACT_ATOMS: atom_id res chain seq x y z
N LEU A 2 28.13 6.99 13.76
CA LEU A 2 27.65 7.10 12.41
C LEU A 2 27.82 8.50 11.87
N GLU A 3 27.98 8.62 10.59
CA GLU A 3 28.12 9.90 9.96
C GLU A 3 26.81 10.54 9.56
N TYR A 4 25.77 10.16 10.24
CA TYR A 4 24.41 10.62 9.94
C TYR A 4 23.51 10.29 11.13
N SER A 5 22.29 10.80 11.10
CA SER A 5 21.28 10.54 12.13
C SER A 5 20.34 9.41 11.73
N GLU A 6 20.03 8.52 12.67
CA GLU A 6 19.01 7.49 12.46
C GLU A 6 17.61 7.94 12.87
N LEU A 7 17.49 9.16 13.39
CA LEU A 7 16.23 9.62 13.97
C LEU A 7 15.13 9.69 12.91
N TYR A 8 13.95 9.19 13.28
CA TYR A 8 12.82 9.22 12.38
C TYR A 8 12.46 10.66 12.04
N PRO A 9 12.13 10.93 10.77
CA PRO A 9 11.91 12.32 10.40
C PRO A 9 10.58 12.88 10.90
N ILE A 10 10.63 14.14 11.32
CA ILE A 10 9.43 14.85 11.76
C ILE A 10 9.37 16.22 11.09
N GLN A 11 8.20 16.84 11.16
CA GLN A 11 8.04 18.17 10.60
C GLN A 11 7.62 19.15 11.67
N ASN A 12 8.37 20.24 11.75
CA ASN A 12 8.04 21.34 12.65
C ASN A 12 8.70 22.62 12.14
N GLU A 13 8.83 23.63 13.00
CA GLU A 13 9.40 24.90 12.55
C GLU A 13 10.85 24.74 12.02
N TYR A 14 11.55 23.73 12.55
CA TYR A 14 12.98 23.58 12.29
C TYR A 14 13.31 22.47 11.31
N ARG A 15 12.43 21.48 11.26
CA ARG A 15 12.65 20.29 10.44
C ARG A 15 11.55 20.14 9.40
N MET A 16 11.94 19.97 8.14
CA MET A 16 10.94 19.77 7.08
C MET A 16 11.08 18.39 6.45
N MET A 17 9.99 17.88 5.91
CA MET A 17 10.05 16.59 5.21
C MET A 17 9.09 16.59 4.04
N GLN A 18 9.45 15.86 3.02
CA GLN A 18 8.63 15.72 1.82
C GLN A 18 8.73 14.28 1.36
N SER A 19 7.58 13.64 1.17
CA SER A 19 7.56 12.25 0.74
C SER A 19 7.96 12.10 -0.72
N LEU A 20 8.82 11.14 -1.00
CA LEU A 20 9.15 10.81 -2.39
C LEU A 20 8.48 9.52 -2.84
N ASP A 21 7.58 8.99 -2.00
CA ASP A 21 6.86 7.77 -2.36
C ASP A 21 6.00 8.01 -3.59
N GLY A 22 5.75 6.97 -4.35
CA GLY A 22 4.94 7.06 -5.56
C GLY A 22 5.53 6.19 -6.65
N MET A 23 5.28 6.53 -7.90
CA MET A 23 5.83 5.80 -9.04
C MET A 23 7.18 6.38 -9.43
N TRP A 24 8.22 5.57 -9.32
CA TRP A 24 9.53 5.99 -9.77
C TRP A 24 9.83 5.41 -11.15
N LYS A 25 10.87 5.91 -11.78
CA LYS A 25 11.44 5.29 -12.97
C LYS A 25 12.37 4.16 -12.54
N PHE A 26 12.46 3.11 -13.37
CA PHE A 26 13.16 1.88 -13.00
C PHE A 26 13.75 1.25 -14.25
N GLN A 27 14.97 0.71 -14.14
CA GLN A 27 15.55 0.00 -15.28
C GLN A 27 16.53 -1.08 -14.81
N PHE A 28 16.34 -2.29 -15.32
CA PHE A 28 17.27 -3.39 -15.08
C PHE A 28 18.59 -3.09 -15.80
N ASP A 29 19.70 -3.53 -15.22
CA ASP A 29 21.01 -3.29 -15.84
C ASP A 29 21.84 -4.58 -15.93
N PRO A 30 21.39 -5.55 -16.74
CA PRO A 30 22.05 -6.87 -16.74
C PRO A 30 23.49 -6.83 -17.24
N GLU A 31 23.81 -5.87 -18.11
CA GLU A 31 25.16 -5.77 -18.67
C GLU A 31 26.09 -4.90 -17.82
N GLU A 32 25.54 -4.28 -16.79
CA GLU A 32 26.31 -3.51 -15.89
C GLU A 32 26.94 -2.32 -16.59
N ILE A 33 26.10 -1.62 -17.31
CA ILE A 33 26.56 -0.52 -18.16
C ILE A 33 26.08 0.86 -17.67
N GLY A 34 25.27 0.89 -16.63
CA GLY A 34 24.62 2.13 -16.24
C GLY A 34 25.57 3.27 -15.93
N LYS A 35 26.57 3.02 -15.09
CA LYS A 35 27.45 4.11 -14.70
C LYS A 35 28.30 4.58 -15.88
N LYS A 36 28.77 3.68 -16.72
CA LYS A 36 29.57 4.11 -17.87
C LYS A 36 28.71 4.72 -18.97
N SER A 37 27.38 4.61 -18.81
CA SER A 37 26.45 5.17 -19.78
C SER A 37 25.77 6.44 -19.26
N GLY A 38 26.18 6.89 -18.08
CA GLY A 38 25.65 8.11 -17.48
C GLY A 38 24.23 8.00 -16.96
N TRP A 39 23.82 6.81 -16.52
CA TRP A 39 22.45 6.66 -16.02
C TRP A 39 22.19 7.49 -14.76
N GLU A 40 23.25 7.90 -14.07
CA GLU A 40 23.07 8.71 -12.87
C GLU A 40 22.46 10.07 -13.22
N ASN A 41 22.48 10.39 -14.51
CA ASN A 41 21.86 11.62 -15.01
C ASN A 41 20.46 11.39 -15.55
N GLY A 42 19.99 10.15 -15.48
CA GLY A 42 18.66 9.79 -15.97
C GLY A 42 18.70 8.46 -16.69
N LEU A 43 17.69 7.63 -16.43
CA LEU A 43 17.60 6.32 -17.05
C LEU A 43 17.11 6.45 -18.50
N PRO A 44 17.72 5.69 -19.42
CA PRO A 44 17.42 5.87 -20.85
C PRO A 44 16.10 5.24 -21.32
N ALA A 45 15.72 4.11 -20.76
CA ALA A 45 14.49 3.43 -21.18
C ALA A 45 13.76 2.85 -19.97
N PRO A 46 13.33 3.71 -19.06
CA PRO A 46 12.77 3.20 -17.81
C PRO A 46 11.34 2.69 -17.95
N VAL A 47 10.94 1.89 -16.97
CA VAL A 47 9.53 1.61 -16.75
C VAL A 47 9.16 2.18 -15.40
N SER A 48 7.88 2.16 -15.07
CA SER A 48 7.43 2.69 -13.78
C SER A 48 7.52 1.62 -12.71
N MET A 49 7.94 2.02 -11.51
CA MET A 49 8.03 1.10 -10.37
C MET A 49 7.51 1.75 -9.09
N PRO A 50 6.56 1.08 -8.42
CA PRO A 50 6.06 1.64 -7.15
C PRO A 50 7.12 1.68 -6.06
N VAL A 51 7.13 2.79 -5.32
CA VAL A 51 7.93 2.92 -4.11
C VAL A 51 7.03 3.40 -2.99
N PRO A 52 6.94 2.64 -1.89
CA PRO A 52 7.72 1.46 -1.52
C PRO A 52 7.17 0.20 -2.11
N SER A 53 8.02 -0.75 -2.47
CA SER A 53 7.63 -2.11 -2.82
C SER A 53 8.85 -2.88 -3.17
N SER A 54 8.74 -4.19 -3.17
CA SER A 54 9.72 -5.02 -3.77
C SER A 54 9.34 -5.11 -5.26
N PHE A 55 10.31 -5.12 -6.15
CA PHE A 55 9.96 -5.09 -7.58
C PHE A 55 9.48 -6.43 -8.14
N ALA A 56 9.85 -7.54 -7.49
CA ALA A 56 9.78 -8.86 -8.13
C ALA A 56 8.39 -9.30 -8.60
N ASP A 57 7.35 -9.10 -7.79
CA ASP A 57 6.10 -9.80 -8.08
C ASP A 57 5.15 -9.02 -8.96
N PHE A 58 5.58 -7.85 -9.41
CA PHE A 58 4.76 -7.11 -10.38
C PHE A 58 4.78 -7.75 -11.75
N PHE A 59 5.94 -8.26 -12.14
CA PHE A 59 6.16 -8.69 -13.52
C PHE A 59 5.50 -10.03 -13.85
N THR A 60 5.36 -10.30 -15.14
CA THR A 60 4.74 -11.55 -15.59
C THR A 60 5.74 -12.51 -16.23
N ASP A 61 7.01 -12.11 -16.31
CA ASP A 61 8.08 -12.92 -16.88
C ASP A 61 9.07 -13.36 -15.81
N HIS A 62 9.48 -14.63 -15.89
CA HIS A 62 10.40 -15.20 -14.89
C HIS A 62 11.68 -14.39 -14.73
N LYS A 63 12.27 -13.97 -15.85
CA LYS A 63 13.59 -13.35 -15.78
C LYS A 63 13.55 -11.99 -15.09
N GLU A 64 12.39 -11.34 -15.12
CA GLU A 64 12.20 -10.10 -14.39
C GLU A 64 12.02 -10.37 -12.90
N ARG A 65 11.13 -11.30 -12.58
CA ARG A 65 10.90 -11.71 -11.19
C ARG A 65 12.19 -12.14 -10.51
N ASP A 66 12.99 -12.92 -11.21
CA ASP A 66 14.16 -13.52 -10.64
C ASP A 66 15.41 -12.71 -10.88
N TYR A 67 15.25 -11.46 -11.34
CA TYR A 67 16.41 -10.64 -11.68
C TYR A 67 17.38 -10.50 -10.52
N CYS A 68 18.65 -10.73 -10.79
CA CYS A 68 19.71 -10.61 -9.80
C CYS A 68 20.85 -9.85 -10.44
N GLY A 69 21.29 -8.78 -9.78
CA GLY A 69 22.36 -7.94 -10.32
C GLY A 69 22.08 -6.47 -10.03
N ASP A 70 22.55 -5.61 -10.92
CA ASP A 70 22.38 -4.16 -10.79
C ASP A 70 21.06 -3.71 -11.39
N PHE A 71 20.38 -2.79 -10.72
CA PHE A 71 19.16 -2.20 -11.28
C PHE A 71 19.04 -0.79 -10.71
N TRP A 72 18.31 0.06 -11.40
CA TRP A 72 18.36 1.49 -11.10
C TRP A 72 16.97 2.08 -10.88
N TYR A 73 16.90 3.04 -9.96
CA TYR A 73 15.69 3.82 -9.70
C TYR A 73 15.95 5.29 -9.94
N GLU A 74 14.91 6.02 -10.35
CA GLU A 74 15.02 7.46 -10.57
C GLU A 74 13.71 8.16 -10.24
N THR A 75 13.78 9.33 -9.61
CA THR A 75 12.60 10.19 -9.53
C THR A 75 13.05 11.64 -9.47
N GLU A 76 12.09 12.54 -9.56
CA GLU A 76 12.37 13.97 -9.50
C GLU A 76 11.48 14.56 -8.43
N PHE A 77 11.88 15.69 -7.89
CA PHE A 77 11.09 16.34 -6.85
C PHE A 77 11.41 17.81 -6.83
N TYR A 78 10.39 18.62 -6.57
CA TYR A 78 10.60 20.04 -6.41
C TYR A 78 11.01 20.34 -4.96
N LEU A 79 12.12 21.06 -4.79
CA LEU A 79 12.58 21.52 -3.48
C LEU A 79 12.12 22.94 -3.24
N PRO A 80 11.37 23.17 -2.16
CA PRO A 80 10.93 24.53 -1.82
C PRO A 80 12.11 25.44 -1.61
N ALA A 81 12.00 26.68 -2.07
CA ALA A 81 13.11 27.61 -2.00
C ALA A 81 13.48 27.89 -0.53
N GLU A 82 12.48 27.76 0.35
CA GLU A 82 12.68 28.00 1.77
C GLU A 82 13.70 27.05 2.40
N TRP A 83 13.90 25.88 1.79
CA TRP A 83 14.83 24.90 2.35
C TRP A 83 16.29 25.29 2.18
N ARG A 84 16.59 26.42 1.53
CA ARG A 84 17.98 26.81 1.35
C ARG A 84 18.54 27.14 2.73
N ASN A 85 19.85 26.95 2.90
CA ASN A 85 20.55 27.17 4.17
C ASN A 85 20.15 26.17 5.25
N LYS A 86 19.44 25.13 4.84
CA LYS A 86 19.21 23.98 5.69
C LYS A 86 20.18 22.86 5.30
N LYS A 87 20.38 21.91 6.19
CA LYS A 87 21.03 20.66 5.82
C LYS A 87 20.00 19.75 5.18
N ILE A 88 20.19 19.40 3.91
CA ILE A 88 19.18 18.66 3.19
C ILE A 88 19.66 17.24 2.94
N TRP A 89 18.80 16.29 3.29
CA TRP A 89 19.13 14.88 3.24
C TRP A 89 18.08 14.08 2.50
N LEU A 90 18.53 13.11 1.72
CA LEU A 90 17.66 12.03 1.25
C LEU A 90 17.66 10.95 2.31
N ARG A 91 16.48 10.47 2.66
CA ARG A 91 16.37 9.41 3.66
C ARG A 91 15.58 8.26 3.10
N PHE A 92 16.26 7.14 2.91
CA PHE A 92 15.60 5.93 2.45
C PHE A 92 15.36 5.05 3.66
N GLY A 93 14.13 4.57 3.82
CA GLY A 93 13.86 3.57 4.86
C GLY A 93 14.82 2.40 4.75
N SER A 94 15.12 2.00 3.52
CA SER A 94 16.14 0.99 3.24
C SER A 94 16.41 1.03 1.74
N ILE A 95 17.50 0.39 1.34
CA ILE A 95 17.89 0.18 -0.06
C ILE A 95 18.40 -1.25 -0.08
N THR A 96 17.67 -2.14 -0.76
CA THR A 96 17.93 -3.57 -0.61
C THR A 96 18.59 -4.15 -1.86
N HIS A 97 19.81 -4.67 -1.78
CA HIS A 97 20.60 -4.87 -0.56
C HIS A 97 21.69 -3.82 -0.37
N ARG A 98 22.12 -3.21 -1.46
CA ARG A 98 23.25 -2.29 -1.40
C ARG A 98 23.09 -1.31 -2.54
N GLY A 99 23.63 -0.13 -2.40
CA GLY A 99 23.42 0.83 -3.45
C GLY A 99 24.23 2.09 -3.32
N THR A 100 24.17 2.89 -4.36
CA THR A 100 24.83 4.18 -4.41
C THR A 100 23.79 5.21 -4.79
N VAL A 101 23.70 6.25 -3.98
CA VAL A 101 22.73 7.33 -4.19
C VAL A 101 23.35 8.47 -4.98
N TYR A 102 22.68 8.88 -6.06
CA TYR A 102 23.08 10.06 -6.82
C TYR A 102 22.02 11.13 -6.70
N CYS A 103 22.46 12.39 -6.68
CA CYS A 103 21.50 13.48 -6.72
C CYS A 103 22.02 14.55 -7.65
N ASN A 104 21.17 14.96 -8.59
CA ASN A 104 21.54 15.93 -9.62
C ASN A 104 22.84 15.55 -10.31
N GLY A 105 22.98 14.25 -10.54
CA GLY A 105 24.11 13.75 -11.32
C GLY A 105 25.36 13.47 -10.52
N MET A 106 25.31 13.72 -9.21
CA MET A 106 26.47 13.62 -8.34
C MET A 106 26.39 12.48 -7.35
N GLU A 107 27.47 11.70 -7.23
CA GLU A 107 27.51 10.62 -6.24
C GLU A 107 27.52 11.18 -4.83
N ILE A 108 26.60 10.68 -3.99
CA ILE A 108 26.45 11.22 -2.64
C ILE A 108 26.95 10.25 -1.58
N THR A 109 26.43 9.02 -1.60
CA THR A 109 26.83 8.05 -0.62
C THR A 109 26.55 6.64 -1.13
N SER A 110 27.15 5.66 -0.46
CA SER A 110 26.86 4.26 -0.73
C SER A 110 26.55 3.57 0.57
N HIS A 111 25.84 2.46 0.50
CA HIS A 111 25.48 1.75 1.71
C HIS A 111 25.35 0.27 1.40
N GLU A 112 25.82 -0.55 2.34
CA GLU A 112 25.70 -2.00 2.28
C GLU A 112 24.83 -2.47 3.46
N GLY A 113 23.75 -3.18 3.17
CA GLY A 113 22.83 -3.62 4.23
C GLY A 113 21.44 -3.17 3.85
N GLY A 114 20.53 -4.12 3.65
CA GLY A 114 19.30 -3.81 2.94
C GLY A 114 18.05 -3.59 3.77
N PHE A 115 18.22 -3.46 5.08
CA PHE A 115 17.08 -3.43 5.99
C PHE A 115 17.14 -2.32 7.03
N LEU A 116 17.99 -1.33 6.77
CA LEU A 116 18.13 -0.20 7.68
C LEU A 116 18.27 1.10 6.89
N PRO A 117 17.98 2.25 7.52
CA PRO A 117 17.97 3.53 6.79
C PRO A 117 19.28 3.88 6.10
N VAL A 118 19.14 4.49 4.93
CA VAL A 118 20.26 5.06 4.21
C VAL A 118 20.05 6.57 4.16
N LEU A 119 21.02 7.30 4.68
CA LEU A 119 20.99 8.76 4.70
C LEU A 119 22.02 9.32 3.75
N ALA A 120 21.60 10.24 2.89
CA ALA A 120 22.48 10.86 1.90
C ALA A 120 22.40 12.37 2.01
N ASP A 121 23.52 13.01 2.36
CA ASP A 121 23.55 14.45 2.56
C ASP A 121 23.70 15.14 1.22
N ILE A 122 22.62 15.76 0.75
CA ILE A 122 22.64 16.44 -0.55
C ILE A 122 22.70 17.96 -0.41
N SER A 123 23.13 18.45 0.75
CA SER A 123 23.19 19.89 1.01
C SER A 123 23.96 20.64 -0.07
N THR A 124 25.11 20.11 -0.47
CA THR A 124 25.98 20.80 -1.40
C THR A 124 25.52 20.71 -2.86
N VAL A 125 24.64 19.75 -3.17
CA VAL A 125 24.22 19.60 -4.58
C VAL A 125 22.75 19.93 -4.81
N ALA A 126 21.99 20.05 -3.74
CA ALA A 126 20.57 20.37 -3.84
C ALA A 126 20.35 21.75 -4.45
N LYS A 127 19.25 21.90 -5.17
CA LYS A 127 18.89 23.17 -5.79
C LYS A 127 17.53 23.60 -5.29
N PRO A 128 17.51 24.41 -4.23
CA PRO A 128 16.25 24.88 -3.68
C PRO A 128 15.52 25.75 -4.70
N GLY A 129 14.20 25.64 -4.77
CA GLY A 129 13.41 26.41 -5.71
C GLY A 129 13.47 25.87 -7.13
N GLN A 130 13.94 24.63 -7.28
CA GLN A 130 14.06 24.00 -8.58
C GLN A 130 13.67 22.53 -8.49
N VAL A 131 13.42 21.91 -9.65
CA VAL A 131 13.27 20.47 -9.71
C VAL A 131 14.65 19.82 -9.52
N ASN A 132 14.69 18.81 -8.65
CA ASN A 132 15.90 18.06 -8.36
C ASN A 132 15.71 16.61 -8.79
N GLN A 133 16.81 15.90 -8.98
CA GLN A 133 16.76 14.52 -9.47
C GLN A 133 17.49 13.59 -8.51
N VAL A 134 16.91 12.44 -8.24
CA VAL A 134 17.62 11.41 -7.50
C VAL A 134 17.66 10.12 -8.32
N VAL A 135 18.84 9.52 -8.40
CA VAL A 135 19.02 8.24 -9.06
C VAL A 135 19.72 7.31 -8.10
N VAL A 136 19.26 6.07 -8.01
CA VAL A 136 19.90 5.10 -7.13
C VAL A 136 20.30 3.86 -7.91
N LYS A 137 21.57 3.50 -7.83
CA LYS A 137 22.02 2.22 -8.35
C LYS A 137 21.95 1.22 -7.22
N ILE A 138 21.23 0.12 -7.45
CA ILE A 138 21.00 -0.89 -6.42
C ILE A 138 21.51 -2.24 -6.94
N ASN A 139 21.96 -3.08 -6.02
CA ASN A 139 22.39 -4.43 -6.35
C ASN A 139 21.78 -5.39 -5.35
N ASN A 140 21.31 -6.55 -5.80
CA ASN A 140 20.67 -7.47 -4.87
C ASN A 140 21.34 -8.83 -4.82
N GLU A 141 22.61 -8.89 -5.19
CA GLU A 141 23.34 -10.16 -5.11
C GLU A 141 23.59 -10.56 -3.67
N LEU A 142 23.81 -11.86 -3.47
CA LEU A 142 24.14 -12.39 -2.16
C LEU A 142 25.57 -12.88 -2.16
N ASN A 143 26.25 -12.68 -1.02
CA ASN A 143 27.61 -13.14 -0.88
C ASN A 143 27.88 -13.53 0.57
N GLU A 144 29.13 -13.82 0.91
CA GLU A 144 29.44 -14.25 2.26
C GLU A 144 30.18 -13.18 3.05
N THR A 145 30.12 -11.93 2.59
CA THR A 145 30.77 -10.84 3.31
C THR A 145 29.79 -9.77 3.76
N SER A 146 28.51 -10.03 3.54
CA SER A 146 27.45 -9.11 3.95
C SER A 146 26.21 -9.91 4.32
N LEU A 147 25.29 -9.28 5.05
CA LEU A 147 24.09 -9.92 5.55
C LEU A 147 22.86 -9.53 4.73
N PRO A 148 21.97 -10.48 4.48
CA PRO A 148 21.99 -11.90 4.80
C PRO A 148 22.84 -12.65 3.80
N CYS A 149 23.44 -13.77 4.19
CA CYS A 149 24.44 -14.43 3.32
C CYS A 149 23.84 -15.35 2.27
N GLY A 150 24.56 -15.48 1.18
CA GLY A 150 24.16 -16.40 0.14
C GLY A 150 25.21 -16.44 -0.93
N ALA A 151 24.81 -16.95 -2.09
CA ALA A 151 25.69 -17.01 -3.23
C ALA A 151 24.98 -16.46 -4.45
N THR A 152 25.74 -16.20 -5.49
CA THR A 152 25.19 -15.76 -6.75
C THR A 152 25.65 -16.73 -7.83
N LYS A 153 24.70 -17.40 -8.45
CA LYS A 153 25.01 -18.34 -9.53
C LYS A 153 24.99 -17.63 -10.87
N ILE A 154 25.95 -17.94 -11.72
CA ILE A 154 25.97 -17.40 -13.06
C ILE A 154 25.60 -18.51 -14.04
N LEU A 155 24.47 -18.34 -14.71
CA LEU A 155 24.06 -19.27 -15.74
C LEU A 155 24.96 -19.06 -16.95
N ASN A 156 25.01 -20.05 -17.85
CA ASN A 156 26.00 -20.05 -18.91
C ASN A 156 25.89 -18.86 -19.87
N ASN A 157 24.73 -18.19 -19.87
CA ASN A 157 24.53 -17.04 -20.73
C ASN A 157 24.83 -15.71 -20.05
N GLY A 158 25.37 -15.79 -18.83
CA GLY A 158 25.70 -14.59 -18.07
C GLY A 158 24.62 -14.12 -17.12
N ARG A 159 23.44 -14.74 -17.22
CA ARG A 159 22.34 -14.36 -16.34
C ARG A 159 22.63 -14.78 -14.91
N LYS A 160 22.40 -13.86 -13.96
CA LYS A 160 22.65 -14.13 -12.54
C LYS A 160 21.39 -14.62 -11.83
N LEU A 161 21.60 -15.48 -10.85
CA LEU A 161 20.51 -15.98 -10.05
C LEU A 161 20.92 -15.99 -8.56
N ALA A 162 20.08 -15.43 -7.71
CA ALA A 162 20.40 -15.43 -6.29
C ALA A 162 20.22 -16.82 -5.69
N LYS A 163 21.17 -17.22 -4.86
CA LYS A 163 21.09 -18.49 -4.17
C LYS A 163 21.20 -18.28 -2.67
N PRO A 164 20.07 -18.00 -2.00
CA PRO A 164 20.12 -17.72 -0.56
C PRO A 164 20.61 -18.88 0.28
N TYR A 165 21.26 -18.55 1.40
CA TYR A 165 21.53 -19.53 2.44
C TYR A 165 20.41 -19.48 3.49
N PHE A 166 19.33 -18.78 3.14
CA PHE A 166 18.22 -18.54 4.07
C PHE A 166 16.89 -18.88 3.41
N ASP A 167 15.86 -19.13 4.21
CA ASP A 167 14.58 -19.60 3.70
C ASP A 167 13.55 -18.50 3.43
N PHE A 168 13.96 -17.39 2.83
CA PHE A 168 12.97 -16.42 2.38
C PHE A 168 13.38 -15.87 1.04
N PHE A 169 12.39 -15.43 0.26
CA PHE A 169 12.63 -14.99 -1.10
C PHE A 169 13.51 -13.74 -1.09
N ASN A 170 14.41 -13.65 -2.07
CA ASN A 170 15.32 -12.51 -2.13
C ASN A 170 14.66 -11.28 -2.73
N TYR A 171 13.66 -10.75 -2.05
CA TYR A 171 13.01 -9.51 -2.44
C TYR A 171 13.98 -8.35 -2.30
N SER A 172 13.83 -7.37 -3.16
CA SER A 172 14.77 -6.28 -3.16
C SER A 172 14.20 -5.06 -3.88
N GLY A 173 14.93 -3.96 -3.81
CA GLY A 173 14.46 -2.70 -4.39
C GLY A 173 14.36 -1.64 -3.33
N LEU A 174 13.46 -0.67 -3.53
CA LEU A 174 13.18 0.35 -2.54
C LEU A 174 11.89 -0.02 -1.82
N GLN A 175 12.05 -0.78 -0.73
CA GLN A 175 10.94 -1.46 -0.10
C GLN A 175 10.30 -0.66 1.01
N ARG A 176 10.87 0.50 1.34
CA ARG A 176 10.33 1.33 2.40
C ARG A 176 10.22 2.77 1.96
N SER A 177 9.53 3.56 2.76
CA SER A 177 9.30 4.96 2.39
C SER A 177 10.59 5.73 2.15
N VAL A 178 10.52 6.71 1.26
CA VAL A 178 11.65 7.56 0.96
C VAL A 178 11.24 9.01 1.19
N TRP A 179 12.09 9.77 1.87
CA TRP A 179 11.83 11.19 2.10
C TRP A 179 12.97 12.05 1.65
N VAL A 180 12.69 13.31 1.36
CA VAL A 180 13.76 14.29 1.36
C VAL A 180 13.44 15.20 2.53
N ILE A 181 14.46 15.51 3.33
CA ILE A 181 14.22 16.23 4.58
C ILE A 181 15.22 17.38 4.71
N ALA A 182 14.85 18.36 5.52
CA ALA A 182 15.72 19.49 5.78
C ALA A 182 15.86 19.66 7.28
N LEU A 183 17.10 19.75 7.76
CA LEU A 183 17.39 19.90 9.17
C LEU A 183 18.07 21.23 9.42
N PRO A 184 17.96 21.76 10.64
CA PRO A 184 18.75 22.96 10.96
C PRO A 184 20.24 22.67 10.96
N GLU A 185 21.05 23.69 10.75
CA GLU A 185 22.49 23.52 10.59
C GLU A 185 23.12 22.94 11.86
N GLU A 186 22.53 23.24 13.00
CA GLU A 186 22.89 22.57 14.26
C GLU A 186 21.68 21.79 14.70
N SER A 187 21.81 20.46 14.74
CA SER A 187 20.64 19.62 14.96
C SER A 187 20.89 18.50 15.97
N VAL A 188 19.80 17.99 16.53
CA VAL A 188 19.84 16.77 17.33
C VAL A 188 20.09 15.57 16.42
N LYS A 189 21.18 14.87 16.68
CA LYS A 189 21.62 13.78 15.83
C LYS A 189 21.23 12.43 16.40
N ASP A 190 21.31 12.31 17.72
CA ASP A 190 21.01 11.06 18.39
C ASP A 190 20.68 11.36 19.84
N TYR A 191 19.91 10.47 20.46
CA TYR A 191 19.74 10.54 21.90
C TYR A 191 19.50 9.12 22.40
N SER A 192 19.70 8.91 23.69
CA SER A 192 19.49 7.60 24.30
C SER A 192 18.78 7.82 25.62
N VAL A 193 17.81 6.97 25.94
CA VAL A 193 17.20 6.99 27.26
C VAL A 193 17.37 5.64 27.94
N ASP A 194 17.41 5.68 29.28
CA ASP A 194 17.54 4.50 30.12
C ASP A 194 16.69 4.77 31.35
N TYR A 195 16.01 3.75 31.86
CA TYR A 195 15.03 3.97 32.90
C TYR A 195 15.40 3.33 34.21
N GLU A 196 14.99 3.96 35.30
CA GLU A 196 15.13 3.40 36.64
C GLU A 196 13.82 3.62 37.39
N LEU A 197 13.32 2.58 38.05
CA LEU A 197 12.07 2.69 38.79
C LEU A 197 12.35 2.87 40.27
N CYS A 198 11.77 3.90 40.86
CA CYS A 198 12.02 4.22 42.27
C CYS A 198 10.70 4.38 43.01
N GLY A 199 10.16 3.27 43.51
CA GLY A 199 8.86 3.30 44.13
C GLY A 199 7.79 3.66 43.10
N THR A 200 7.03 4.70 43.38
CA THR A 200 6.00 5.17 42.45
C THR A 200 6.58 6.11 41.41
N ASP A 201 7.86 6.46 41.56
CA ASP A 201 8.48 7.41 40.66
C ASP A 201 9.42 6.70 39.69
N ALA A 202 9.88 7.45 38.69
CA ALA A 202 10.84 6.88 37.75
C ALA A 202 11.89 7.92 37.40
N LEU A 203 13.03 7.41 36.94
CA LEU A 203 14.11 8.26 36.47
C LEU A 203 14.34 7.94 35.00
N VAL A 204 14.44 8.99 34.19
CA VAL A 204 14.78 8.81 32.79
C VAL A 204 16.17 9.38 32.58
N LYS A 205 17.17 8.51 32.52
CA LYS A 205 18.53 8.95 32.27
C LYS A 205 18.69 9.13 30.78
N TYR A 206 19.41 10.18 30.36
CA TYR A 206 19.55 10.41 28.92
C TYR A 206 20.90 10.96 28.53
N GLU A 207 21.23 10.76 27.26
CA GLU A 207 22.33 11.42 26.59
C GLU A 207 21.81 11.94 25.26
N VAL A 208 22.29 13.12 24.85
CA VAL A 208 21.94 13.72 23.57
C VAL A 208 23.20 14.02 22.79
N VAL A 209 23.22 13.64 21.52
CA VAL A 209 24.32 14.01 20.63
C VAL A 209 23.81 15.01 19.60
N THR A 210 24.48 16.15 19.47
CA THR A 210 24.10 17.15 18.48
C THR A 210 25.24 17.42 17.52
N THR A 211 24.97 18.21 16.48
CA THR A 211 26.01 18.58 15.53
C THR A 211 26.63 19.94 15.83
N GLY A 212 26.46 20.43 17.06
CA GLY A 212 27.06 21.69 17.48
C GLY A 212 27.37 21.73 18.97
N GLU A 213 27.62 22.92 19.51
CA GLU A 213 28.02 23.06 20.91
C GLU A 213 27.06 23.87 21.77
N HIS A 214 25.93 24.27 21.21
CA HIS A 214 24.96 25.06 21.96
C HIS A 214 24.23 24.25 23.02
N PRO A 215 23.70 24.92 24.05
CA PRO A 215 22.97 24.26 25.14
C PRO A 215 21.78 23.43 24.68
N VAL A 216 21.54 22.35 25.42
CA VAL A 216 20.43 21.45 25.20
C VAL A 216 19.48 21.49 26.39
N ILE A 217 18.18 21.56 26.11
CA ILE A 217 17.13 21.42 27.11
C ILE A 217 16.32 20.17 26.76
N VAL A 218 16.05 19.35 27.77
CA VAL A 218 15.23 18.16 27.55
C VAL A 218 13.98 18.24 28.43
N ARG A 219 12.82 18.10 27.80
CA ARG A 219 11.54 18.09 28.49
C ARG A 219 10.84 16.74 28.32
N LEU A 220 10.03 16.36 29.30
CA LEU A 220 9.19 15.20 29.12
C LEU A 220 7.73 15.59 29.32
N LEU A 221 6.89 15.23 28.36
CA LEU A 221 5.47 15.52 28.42
C LEU A 221 4.68 14.24 28.61
N ASP A 222 3.59 14.29 29.38
CA ASP A 222 2.77 13.09 29.50
C ASP A 222 1.86 12.94 28.26
N ALA A 223 0.98 11.95 28.28
CA ALA A 223 0.20 11.61 27.08
C ALA A 223 -0.81 12.69 26.73
N GLU A 224 -1.04 13.64 27.62
CA GLU A 224 -1.94 14.75 27.33
C GLU A 224 -1.17 16.04 27.03
N GLY A 225 0.15 15.93 26.94
CA GLY A 225 0.99 17.06 26.54
C GLY A 225 1.41 17.97 27.67
N GLU A 226 1.22 17.52 28.87
CA GLU A 226 1.58 18.34 29.99
C GLU A 226 2.98 18.05 30.50
N LEU A 227 3.70 19.09 30.86
CA LEU A 227 5.10 18.96 31.28
C LEU A 227 5.22 18.24 32.62
N VAL A 228 6.03 17.19 32.66
CA VAL A 228 6.23 16.46 33.91
C VAL A 228 7.67 16.49 34.39
N ALA A 229 8.59 16.88 33.51
CA ALA A 229 10.00 16.95 33.86
C ALA A 229 10.77 17.81 32.87
N GLU A 230 11.78 18.52 33.36
CA GLU A 230 12.64 19.34 32.52
C GLU A 230 14.03 19.45 33.12
N THR A 231 15.04 19.31 32.26
CA THR A 231 16.43 19.35 32.69
C THR A 231 17.26 20.02 31.59
N GLU A 232 18.43 20.52 31.95
CA GLU A 232 19.32 21.08 30.94
C GLU A 232 20.60 20.26 30.88
N GLY A 233 21.14 20.17 29.68
CA GLY A 233 22.42 19.53 29.47
C GLY A 233 22.30 18.36 28.53
N LYS A 234 23.40 18.03 27.87
CA LYS A 234 23.45 16.91 26.94
C LYS A 234 23.42 15.56 27.65
N GLU A 235 23.72 15.57 28.95
CA GLU A 235 23.57 14.37 29.76
C GLU A 235 22.78 14.80 30.99
N GLY A 236 21.82 13.98 31.40
CA GLY A 236 21.04 14.36 32.56
C GLY A 236 20.05 13.29 32.98
N ILE A 237 19.26 13.64 33.98
CA ILE A 237 18.24 12.73 34.50
C ILE A 237 16.94 13.49 34.67
N LEU A 238 15.89 12.96 34.06
CA LEU A 238 14.55 13.49 34.23
C LEU A 238 13.86 12.75 35.37
N GLN A 239 13.35 13.49 36.33
CA GLN A 239 12.66 12.88 37.46
C GLN A 239 11.16 12.91 37.24
N VAL A 240 10.54 11.73 37.19
CA VAL A 240 9.12 11.63 36.90
C VAL A 240 8.33 11.14 38.11
N ALA A 241 7.57 12.04 38.72
CA ALA A 241 6.74 11.68 39.87
C ALA A 241 5.54 10.84 39.42
N ASN A 242 5.21 9.82 40.22
CA ASN A 242 4.05 8.97 39.96
C ASN A 242 4.00 8.53 38.51
N ALA A 243 5.10 8.00 38.05
CA ALA A 243 5.22 7.64 36.66
C ALA A 243 4.22 6.61 36.21
N ARG A 244 3.65 6.81 35.03
CA ARG A 244 2.72 5.85 34.44
C ARG A 244 3.50 4.93 33.53
N LEU A 245 3.81 3.73 34.01
CA LEU A 245 4.71 2.85 33.29
C LEU A 245 4.09 2.29 32.02
N TRP A 246 4.95 2.08 31.02
CA TRP A 246 4.59 1.35 29.83
C TRP A 246 4.51 -0.13 30.19
N GLU A 247 3.36 -0.76 29.98
CA GLU A 247 3.13 -2.14 30.40
C GLU A 247 2.77 -3.04 29.22
N VAL A 248 3.01 -4.35 29.36
CA VAL A 248 2.71 -5.27 28.28
C VAL A 248 1.22 -5.21 27.93
N ARG A 249 0.94 -4.98 26.65
CA ARG A 249 -0.42 -4.85 26.09
C ARG A 249 -1.22 -3.78 26.83
N ASN A 250 -0.51 -2.80 27.38
CA ASN A 250 -1.15 -1.72 28.09
C ASN A 250 -0.18 -0.55 28.11
N ALA A 251 0.08 -0.02 26.92
CA ALA A 251 1.05 1.04 26.72
C ALA A 251 0.65 2.35 27.34
N TYR A 252 1.66 3.08 27.77
CA TYR A 252 1.53 4.50 28.05
C TYR A 252 2.77 5.13 27.48
N LEU A 253 2.61 6.22 26.73
CA LEU A 253 3.74 6.87 26.10
C LEU A 253 3.87 8.32 26.50
N TYR A 254 5.05 8.67 27.04
CA TYR A 254 5.43 10.05 27.27
C TYR A 254 6.00 10.60 25.97
N GLN A 255 6.16 11.92 25.88
CA GLN A 255 6.84 12.49 24.73
C GLN A 255 8.09 13.17 25.22
N ILE A 256 9.24 12.76 24.69
CA ILE A 256 10.46 13.46 25.02
C ILE A 256 10.63 14.59 24.00
N VAL A 257 11.06 15.74 24.50
CA VAL A 257 11.26 16.92 23.66
C VAL A 257 12.67 17.40 23.88
N ILE A 258 13.47 17.41 22.81
CA ILE A 258 14.86 17.82 22.90
C ILE A 258 15.06 19.12 22.15
N LEU A 259 15.52 20.12 22.88
CA LEU A 259 15.71 21.44 22.31
C LEU A 259 17.18 21.82 22.31
N ILE A 260 17.65 22.39 21.20
CA ILE A 260 18.92 23.10 21.18
C ILE A 260 18.61 24.59 21.20
N THR A 261 19.32 25.36 22.00
CA THR A 261 19.03 26.78 22.04
C THR A 261 20.28 27.61 21.94
N ASP A 262 20.13 28.83 21.47
CA ASP A 262 21.17 29.82 21.64
C ASP A 262 20.58 31.01 22.36
N GLY A 263 21.31 32.12 22.41
CA GLY A 263 20.85 33.28 23.14
C GLY A 263 19.59 33.93 22.61
N ASN A 264 19.22 33.59 21.38
CA ASN A 264 18.02 34.16 20.75
C ASN A 264 16.89 33.16 20.58
N GLY A 265 17.01 32.00 21.20
CA GLY A 265 15.94 31.03 21.16
C GLY A 265 16.31 29.68 20.63
N VAL A 266 15.28 28.90 20.33
CA VAL A 266 15.46 27.53 19.91
C VAL A 266 16.05 27.42 18.50
N LEU A 267 17.02 26.50 18.35
CA LEU A 267 17.65 26.20 17.06
C LEU A 267 17.10 24.92 16.43
N ASP A 268 16.76 23.94 17.27
CA ASP A 268 16.24 22.66 16.80
C ASP A 268 15.31 22.12 17.88
N GLU A 269 14.34 21.32 17.44
CA GLU A 269 13.42 20.66 18.35
C GLU A 269 13.19 19.27 17.79
N TYR A 270 13.48 18.25 18.58
CA TYR A 270 13.13 16.89 18.20
C TYR A 270 12.18 16.30 19.24
N ARG A 271 11.12 15.62 18.78
CA ARG A 271 10.11 15.04 19.67
C ARG A 271 9.90 13.60 19.31
N GLU A 272 9.77 12.73 20.31
CA GLU A 272 9.50 11.33 20.05
C GLU A 272 8.75 10.71 21.22
N LYS A 273 7.84 9.79 20.94
CA LYS A 273 7.17 9.08 22.01
C LYS A 273 8.07 7.97 22.57
N ILE A 274 8.16 7.90 23.89
CA ILE A 274 8.93 6.85 24.57
C ILE A 274 8.09 6.27 25.71
N GLY A 275 8.46 5.10 26.19
CA GLY A 275 7.70 4.47 27.26
C GLY A 275 8.61 4.10 28.40
N ILE A 276 8.21 4.47 29.62
CA ILE A 276 9.01 4.18 30.81
C ILE A 276 8.80 2.72 31.22
N ARG A 277 9.80 1.91 31.01
CA ARG A 277 9.77 0.53 31.44
C ARG A 277 11.17 -0.06 31.64
N THR A 278 11.30 -1.09 32.47
CA THR A 278 12.58 -1.74 32.64
C THR A 278 12.48 -3.19 32.18
N VAL A 279 13.57 -3.70 31.60
CA VAL A 279 13.65 -5.12 31.23
C VAL A 279 14.88 -5.70 31.90
N ARG A 280 14.71 -6.82 32.55
CA ARG A 280 15.80 -7.48 33.25
C ARG A 280 15.64 -8.99 33.17
N ILE A 281 16.75 -9.71 33.16
CA ILE A 281 16.72 -11.15 33.33
C ILE A 281 17.17 -11.48 34.73
N GLU A 282 16.35 -12.23 35.45
CA GLU A 282 16.72 -12.67 36.79
C GLU A 282 16.47 -14.16 36.90
N GLY A 283 17.56 -14.92 37.01
CA GLY A 283 17.44 -16.36 36.96
C GLY A 283 16.77 -16.75 35.66
N THR A 284 15.76 -17.60 35.74
CA THR A 284 15.07 -18.05 34.54
C THR A 284 13.88 -17.17 34.17
N LYS A 285 13.76 -16.01 34.82
CA LYS A 285 12.65 -15.11 34.53
C LYS A 285 13.04 -13.92 33.68
N ILE A 286 12.15 -13.54 32.78
CA ILE A 286 12.22 -12.27 32.08
C ILE A 286 11.35 -11.29 32.84
N LEU A 287 11.94 -10.21 33.33
CA LEU A 287 11.18 -9.26 34.13
C LEU A 287 10.92 -7.97 33.38
N LEU A 288 9.67 -7.58 33.31
CA LEU A 288 9.26 -6.31 32.82
C LEU A 288 8.69 -5.47 33.95
N ASN A 289 9.32 -4.34 34.22
CA ASN A 289 8.93 -3.53 35.38
C ASN A 289 8.91 -4.39 36.65
N ASP A 290 9.94 -5.22 36.77
CA ASP A 290 10.18 -6.06 37.95
C ASP A 290 9.18 -7.22 38.14
N ARG A 291 8.34 -7.47 37.14
CA ARG A 291 7.38 -8.58 37.18
C ARG A 291 7.66 -9.56 36.05
N PRO A 292 7.59 -10.86 36.32
CA PRO A 292 7.84 -11.82 35.25
C PRO A 292 6.83 -11.72 34.11
N VAL A 293 7.34 -11.87 32.88
CA VAL A 293 6.48 -11.91 31.70
C VAL A 293 6.84 -13.15 30.91
N TYR A 294 5.82 -13.86 30.44
CA TYR A 294 5.99 -15.01 29.57
C TYR A 294 5.70 -14.56 28.14
N LEU A 295 6.67 -14.71 27.25
CA LEU A 295 6.49 -14.24 25.87
C LEU A 295 5.57 -15.16 25.10
N LYS A 296 4.62 -14.57 24.40
CA LYS A 296 3.62 -15.30 23.64
C LYS A 296 3.48 -14.63 22.28
N GLY A 297 3.83 -15.33 21.20
CA GLY A 297 3.68 -14.70 19.91
C GLY A 297 4.31 -15.46 18.76
N PHE A 298 4.96 -14.71 17.87
CA PHE A 298 5.36 -15.25 16.57
C PHE A 298 6.67 -14.67 16.09
N GLY A 299 7.37 -15.44 15.27
CA GLY A 299 8.27 -14.83 14.30
C GLY A 299 7.40 -14.35 13.15
N LYS A 300 7.75 -13.20 12.58
CA LYS A 300 7.00 -12.66 11.45
C LYS A 300 7.93 -12.56 10.23
N HIS A 301 7.46 -11.90 9.18
CA HIS A 301 8.28 -11.48 8.04
C HIS A 301 7.66 -10.20 7.56
N GLU A 302 8.43 -9.39 6.85
CA GLU A 302 7.83 -8.33 6.06
C GLU A 302 7.51 -8.96 4.72
N ASP A 303 6.24 -9.34 4.54
CA ASP A 303 5.83 -10.16 3.42
C ASP A 303 4.33 -10.04 3.22
N PHE A 304 3.91 -9.76 1.99
CA PHE A 304 2.49 -9.57 1.70
C PHE A 304 2.30 -9.77 0.20
N PRO A 305 1.12 -10.24 -0.23
CA PRO A 305 0.95 -10.46 -1.67
C PRO A 305 1.23 -9.22 -2.52
N ILE A 306 1.94 -9.47 -3.62
CA ILE A 306 2.32 -8.48 -4.64
C ILE A 306 3.36 -7.45 -4.16
N LEU A 307 3.17 -6.86 -2.99
CA LEU A 307 4.11 -5.85 -2.48
C LEU A 307 5.46 -6.42 -2.03
N GLY A 308 5.51 -7.73 -1.80
CA GLY A 308 6.73 -8.33 -1.28
C GLY A 308 6.99 -7.87 0.14
N ARG A 309 8.15 -7.26 0.37
CA ARG A 309 8.44 -6.66 1.67
C ARG A 309 8.08 -5.19 1.72
N GLY A 310 7.38 -4.72 0.69
CA GLY A 310 7.00 -3.32 0.65
C GLY A 310 6.20 -2.88 1.86
N PHE A 311 6.57 -1.74 2.43
CA PHE A 311 5.86 -1.26 3.61
C PHE A 311 4.48 -0.69 3.29
N HIS A 312 3.51 -1.03 4.13
CA HIS A 312 2.16 -0.47 4.05
C HIS A 312 1.49 -0.50 5.42
N TRP A 313 1.02 0.66 5.90
CA TRP A 313 0.41 0.72 7.22
C TRP A 313 -0.76 -0.24 7.38
N GLY A 314 -1.39 -0.57 6.26
CA GLY A 314 -2.49 -1.50 6.25
C GLY A 314 -2.07 -2.90 6.69
N ILE A 315 -0.87 -3.30 6.30
CA ILE A 315 -0.33 -4.59 6.73
C ILE A 315 -0.06 -4.56 8.23
N VAL A 316 0.50 -3.46 8.70
CA VAL A 316 0.70 -3.28 10.14
C VAL A 316 -0.63 -3.39 10.89
N LYS A 317 -1.64 -2.66 10.44
CA LYS A 317 -2.91 -2.66 11.15
C LYS A 317 -3.56 -4.06 11.21
N ARG A 318 -3.65 -4.74 10.07
CA ARG A 318 -4.25 -6.08 10.05
C ARG A 318 -3.45 -7.04 10.92
N ASP A 319 -2.13 -7.00 10.80
CA ASP A 319 -1.29 -7.93 11.55
C ASP A 319 -1.46 -7.72 13.06
N PHE A 320 -1.48 -6.47 13.52
CA PHE A 320 -1.68 -6.23 14.94
C PHE A 320 -3.08 -6.61 15.42
N GLU A 321 -4.10 -6.43 14.59
CA GLU A 321 -5.43 -6.89 14.98
C GLU A 321 -5.44 -8.40 15.12
N CYS A 322 -4.75 -9.08 14.20
CA CYS A 322 -4.65 -10.54 14.27
C CYS A 322 -3.85 -10.96 15.50
N LEU A 323 -2.74 -10.28 15.76
CA LEU A 323 -1.94 -10.60 16.95
C LEU A 323 -2.76 -10.44 18.23
N LYS A 324 -3.50 -9.34 18.34
CA LYS A 324 -4.29 -9.11 19.55
C LYS A 324 -5.39 -10.17 19.70
N TRP A 325 -5.97 -10.58 18.57
CA TRP A 325 -7.01 -11.60 18.58
C TRP A 325 -6.47 -12.94 19.08
N THR A 326 -5.19 -13.25 18.81
CA THR A 326 -4.59 -14.48 19.33
C THR A 326 -4.17 -14.37 20.79
N ASN A 327 -4.22 -13.16 21.35
CA ASN A 327 -3.77 -12.86 22.72
C ASN A 327 -2.26 -12.88 22.86
N ALA A 328 -1.57 -12.67 21.75
CA ALA A 328 -0.11 -12.55 21.74
C ALA A 328 0.35 -11.28 22.47
N ASN A 329 1.61 -11.29 22.90
CA ASN A 329 2.22 -10.08 23.45
C ASN A 329 3.60 -9.77 22.88
N CYS A 330 4.06 -10.57 21.92
CA CYS A 330 5.45 -10.47 21.48
C CYS A 330 5.63 -10.91 20.03
N PHE A 331 6.52 -10.25 19.31
CA PHE A 331 7.05 -10.89 18.12
C PHE A 331 8.54 -10.64 17.95
N ARG A 332 9.17 -11.52 17.18
CA ARG A 332 10.57 -11.35 16.76
C ARG A 332 10.60 -10.82 15.34
N THR A 333 11.50 -9.87 15.05
CA THR A 333 11.61 -9.34 13.68
C THR A 333 12.50 -10.28 12.85
N SER A 334 12.07 -11.52 12.72
CA SER A 334 12.76 -12.46 11.87
C SER A 334 12.72 -12.01 10.41
N HIS A 335 13.85 -11.99 9.69
CA HIS A 335 15.20 -12.17 10.18
C HIS A 335 16.01 -10.94 9.79
N TYR A 336 15.48 -9.77 10.15
CA TYR A 336 16.06 -8.48 9.75
C TYR A 336 15.27 -7.40 10.44
N PRO A 337 15.88 -6.23 10.67
CA PRO A 337 15.10 -5.13 11.23
C PRO A 337 13.95 -4.77 10.29
N TYR A 338 12.78 -4.49 10.84
CA TYR A 338 11.63 -4.13 10.04
C TYR A 338 11.59 -2.63 9.81
N ALA A 339 10.62 -2.19 9.01
CA ALA A 339 10.41 -0.75 8.85
C ALA A 339 10.13 -0.15 10.22
N GLU A 340 10.60 1.07 10.46
CA GLU A 340 10.48 1.73 11.76
C GLU A 340 9.05 1.79 12.25
N GLU A 341 8.12 1.92 11.32
CA GLU A 341 6.72 2.03 11.66
C GLU A 341 6.17 0.85 12.48
N TRP A 342 6.71 -0.34 12.25
CA TRP A 342 6.30 -1.53 13.01
C TRP A 342 6.57 -1.33 14.50
N TYR A 343 7.72 -0.76 14.80
CA TYR A 343 8.11 -0.53 16.19
C TYR A 343 7.29 0.60 16.81
N GLN A 344 7.02 1.64 16.03
CA GLN A 344 6.17 2.74 16.49
C GLN A 344 4.82 2.18 16.91
N PHE A 345 4.30 1.27 16.10
CA PHE A 345 2.99 0.73 16.38
C PHE A 345 3.04 -0.20 17.59
N ALA A 346 4.08 -1.03 17.66
CA ALA A 346 4.25 -1.90 18.81
C ALA A 346 4.29 -1.11 20.11
N ASP A 347 4.92 0.07 20.05
CA ASP A 347 4.99 0.96 21.19
C ASP A 347 3.59 1.38 21.65
N GLU A 348 2.72 1.67 20.69
CA GLU A 348 1.37 2.11 21.00
C GLU A 348 0.50 0.97 21.52
N GLU A 349 0.75 -0.23 21.01
CA GLU A 349 -0.10 -1.38 21.33
C GLU A 349 0.43 -2.23 22.49
N GLY A 350 1.57 -1.84 23.03
CA GLY A 350 2.15 -2.57 24.14
C GLY A 350 2.71 -3.94 23.78
N PHE A 351 3.19 -4.11 22.55
CA PHE A 351 3.83 -5.36 22.17
C PHE A 351 5.31 -5.34 22.45
N LEU A 352 5.83 -6.51 22.82
CA LEU A 352 7.25 -6.71 23.07
C LEU A 352 7.93 -7.17 21.79
N ILE A 353 9.12 -6.65 21.52
CA ILE A 353 9.84 -7.00 20.29
C ILE A 353 11.23 -7.51 20.60
N ILE A 354 11.56 -8.66 20.02
CA ILE A 354 12.95 -9.11 19.91
C ILE A 354 13.42 -8.64 18.53
N ASP A 355 14.35 -7.69 18.53
CA ASP A 355 14.81 -7.02 17.33
C ASP A 355 16.03 -7.75 16.77
N GLU A 356 15.96 -8.20 15.52
CA GLU A 356 16.95 -9.13 14.99
C GLU A 356 17.71 -8.57 13.80
N VAL A 357 19.03 -8.66 13.88
CA VAL A 357 19.92 -8.25 12.80
C VAL A 357 19.90 -9.35 11.72
N PRO A 358 20.21 -9.02 10.44
CA PRO A 358 20.00 -10.05 9.41
C PRO A 358 21.09 -11.11 9.31
N ALA A 359 21.60 -11.53 10.46
CA ALA A 359 22.66 -12.54 10.51
C ALA A 359 22.11 -13.96 10.37
N VAL A 360 21.65 -14.25 9.17
CA VAL A 360 21.04 -15.52 8.85
C VAL A 360 21.79 -16.09 7.66
N GLY A 361 21.96 -17.40 7.64
CA GLY A 361 22.65 -18.06 6.56
C GLY A 361 24.14 -18.21 6.80
N MET A 362 24.54 -18.35 8.05
CA MET A 362 25.95 -18.50 8.39
C MET A 362 26.31 -19.92 8.80
N MET A 363 26.06 -20.89 7.93
CA MET A 363 26.44 -22.27 8.22
C MET A 363 26.60 -23.14 6.96
N PHE A 380 32.32 -22.73 8.09
CA PHE A 380 31.88 -21.44 7.58
C PHE A 380 32.70 -20.29 8.15
N PHE A 381 33.08 -20.40 9.43
CA PHE A 381 33.78 -19.31 10.10
C PHE A 381 35.30 -19.44 10.06
N GLU A 382 35.80 -20.27 9.14
CA GLU A 382 37.24 -20.42 8.95
C GLU A 382 37.67 -19.90 7.58
N ALA A 383 36.72 -19.28 6.87
CA ALA A 383 36.99 -18.72 5.55
C ALA A 383 37.71 -17.38 5.62
N LEU A 384 38.50 -17.08 4.58
CA LEU A 384 39.26 -15.83 4.50
C LEU A 384 38.36 -14.59 4.49
N THR A 385 37.08 -14.78 4.19
CA THR A 385 36.12 -13.69 4.07
C THR A 385 35.49 -13.29 5.41
N VAL A 386 35.77 -14.07 6.45
CA VAL A 386 35.09 -13.87 7.74
C VAL A 386 35.37 -12.50 8.42
N PRO A 387 36.62 -12.00 8.40
CA PRO A 387 36.79 -10.67 8.97
C PRO A 387 35.90 -9.61 8.31
N GLU A 388 35.74 -9.67 7.00
CA GLU A 388 34.88 -8.69 6.35
C GLU A 388 33.41 -8.91 6.73
N LEU A 389 33.00 -10.18 6.86
CA LEU A 389 31.64 -10.47 7.30
C LEU A 389 31.38 -9.91 8.70
N LEU A 390 32.36 -10.08 9.58
CA LEU A 390 32.25 -9.59 10.95
C LEU A 390 32.04 -8.08 10.98
N LYS A 391 32.83 -7.36 10.20
CA LYS A 391 32.67 -5.91 10.12
C LYS A 391 31.26 -5.54 9.64
N SER A 392 30.76 -6.25 8.63
CA SER A 392 29.40 -6.01 8.14
C SER A 392 28.35 -6.29 9.21
N HIS A 393 28.54 -7.40 9.90
CA HIS A 393 27.64 -7.82 10.98
C HIS A 393 27.60 -6.78 12.09
N ILE A 394 28.78 -6.34 12.51
CA ILE A 394 28.86 -5.33 13.55
C ILE A 394 28.28 -3.98 13.06
N ALA A 395 28.53 -3.63 11.80
CA ALA A 395 27.95 -2.38 11.28
C ALA A 395 26.42 -2.40 11.29
N ASP A 396 25.83 -3.53 10.87
CA ASP A 396 24.38 -3.66 10.87
C ASP A 396 23.86 -3.59 12.30
N THR A 397 24.62 -4.17 13.22
CA THR A 397 24.24 -4.17 14.62
C THR A 397 24.24 -2.75 15.18
N GLU A 398 25.28 -1.99 14.88
CA GLU A 398 25.34 -0.58 15.27
C GLU A 398 24.16 0.21 14.73
N GLU A 399 23.86 0.04 13.45
CA GLU A 399 22.75 0.76 12.85
C GLU A 399 21.40 0.36 13.45
N MET A 400 21.18 -0.94 13.67
CA MET A 400 19.93 -1.40 14.25
C MET A 400 19.72 -0.84 15.65
N ILE A 401 20.74 -0.99 16.48
CA ILE A 401 20.61 -0.57 17.86
C ILE A 401 20.47 0.95 17.94
N THR A 402 21.26 1.67 17.16
CA THR A 402 21.14 3.14 17.17
C THR A 402 19.74 3.59 16.69
N ARG A 403 19.17 2.88 15.73
CA ARG A 403 17.84 3.22 15.22
C ARG A 403 16.75 2.90 16.22
N ASP A 404 16.86 1.74 16.89
CA ASP A 404 15.71 1.19 17.58
C ASP A 404 15.74 1.24 19.11
N LYS A 405 16.86 1.69 19.68
CA LYS A 405 17.07 1.61 21.13
C LYS A 405 16.01 2.32 21.98
N ASN A 406 15.39 3.38 21.45
CA ASN A 406 14.50 4.18 22.28
C ASN A 406 13.04 3.75 22.20
N HIS A 407 12.78 2.69 21.44
CA HIS A 407 11.43 2.11 21.44
C HIS A 407 11.19 1.33 22.74
N PRO A 408 10.10 1.63 23.46
CA PRO A 408 9.83 0.82 24.65
C PRO A 408 9.52 -0.64 24.29
N SER A 409 9.01 -0.87 23.10
CA SER A 409 8.69 -2.22 22.66
C SER A 409 9.92 -3.13 22.55
N VAL A 410 11.09 -2.57 22.24
CA VAL A 410 12.24 -3.42 21.99
C VAL A 410 12.88 -3.83 23.30
N ILE A 411 12.72 -5.09 23.64
CA ILE A 411 13.18 -5.59 24.94
C ILE A 411 14.42 -6.46 24.83
N ALA A 412 14.85 -6.77 23.61
CA ALA A 412 15.98 -7.65 23.42
C ALA A 412 16.52 -7.54 22.02
N TRP A 413 17.81 -7.82 21.88
CA TRP A 413 18.45 -7.86 20.57
C TRP A 413 18.78 -9.30 20.22
N SER A 414 18.38 -9.72 19.02
CA SER A 414 18.79 -11.02 18.51
C SER A 414 19.89 -10.84 17.49
N LEU A 415 21.05 -11.42 17.75
CA LEU A 415 22.25 -11.11 16.98
C LEU A 415 22.59 -12.17 15.95
N PHE A 416 21.74 -13.21 15.84
CA PHE A 416 21.94 -14.25 14.83
C PHE A 416 20.75 -15.17 14.76
N ASN A 417 20.61 -15.86 13.62
CA ASN A 417 19.64 -16.93 13.47
C ASN A 417 20.30 -18.13 12.83
N GLU A 418 20.46 -19.21 13.61
CA GLU A 418 20.97 -20.49 13.14
C GLU A 418 22.34 -20.46 12.46
N PRO A 419 23.34 -19.84 13.11
CA PRO A 419 24.69 -19.98 12.58
C PRO A 419 25.35 -21.25 13.12
N GLU A 420 26.53 -21.57 12.62
CA GLU A 420 27.34 -22.60 13.25
C GLU A 420 27.85 -22.05 14.58
N THR A 421 27.81 -22.86 15.64
CA THR A 421 28.20 -22.36 16.96
C THR A 421 29.11 -23.30 17.77
N ILE A 422 29.53 -24.40 17.15
CA ILE A 422 30.22 -25.45 17.90
C ILE A 422 31.74 -25.39 17.78
N THR A 423 32.25 -24.46 16.97
CA THR A 423 33.70 -24.31 16.85
C THR A 423 34.21 -23.09 17.60
N ASP A 424 35.52 -23.07 17.81
CA ASP A 424 36.14 -21.96 18.51
C ASP A 424 36.11 -20.75 17.65
N TYR A 425 36.12 -20.95 16.34
CA TYR A 425 36.07 -19.86 15.39
C TYR A 425 34.76 -19.10 15.53
N ALA A 426 33.68 -19.83 15.71
CA ALA A 426 32.38 -19.19 15.92
C ALA A 426 32.33 -18.41 17.23
N TYR A 427 32.93 -18.96 18.29
CA TYR A 427 32.89 -18.27 19.59
C TYR A 427 33.61 -16.93 19.57
N GLU A 428 34.81 -16.90 19.00
CA GLU A 428 35.56 -15.65 18.89
C GLU A 428 34.81 -14.61 18.07
N TYR A 429 34.18 -15.09 16.99
CA TYR A 429 33.37 -14.24 16.14
C TYR A 429 32.24 -13.61 16.94
N PHE A 430 31.42 -14.43 17.58
CA PHE A 430 30.24 -13.89 18.25
C PHE A 430 30.59 -13.10 19.50
N LYS A 431 31.72 -13.43 20.13
CA LYS A 431 32.20 -12.63 21.25
C LYS A 431 32.34 -11.16 20.84
N GLU A 432 32.85 -10.92 19.65
CA GLU A 432 33.04 -9.55 19.15
C GLU A 432 31.70 -8.87 18.85
N VAL A 433 30.76 -9.63 18.31
CA VAL A 433 29.46 -9.06 18.01
C VAL A 433 28.73 -8.68 19.28
N PHE A 434 28.75 -9.55 20.27
CA PHE A 434 28.05 -9.26 21.52
C PHE A 434 28.72 -8.08 22.24
N ALA A 435 30.04 -8.01 22.18
CA ALA A 435 30.77 -6.89 22.79
C ALA A 435 30.39 -5.58 22.14
N ALA A 436 30.35 -5.56 20.81
CA ALA A 436 29.99 -4.36 20.08
C ALA A 436 28.55 -3.94 20.39
N ALA A 437 27.64 -4.90 20.42
CA ALA A 437 26.24 -4.60 20.66
C ALA A 437 26.06 -3.93 22.01
N GLU A 438 26.79 -4.43 23.01
CA GLU A 438 26.73 -3.84 24.35
C GLU A 438 27.16 -2.38 24.35
N THR A 439 28.19 -2.03 23.56
CA THR A 439 28.68 -0.66 23.57
C THR A 439 27.67 0.29 22.92
N TYR A 440 26.82 -0.24 22.03
CA TYR A 440 25.88 0.61 21.33
C TYR A 440 24.58 0.83 22.11
N ASP A 441 24.27 -0.07 23.03
CA ASP A 441 22.99 0.02 23.73
C ASP A 441 23.15 0.64 25.11
N PHE A 442 22.73 1.90 25.21
CA PHE A 442 22.70 2.67 26.45
C PHE A 442 21.96 1.92 27.56
N GLN A 443 20.92 1.17 27.19
CA GLN A 443 20.09 0.45 28.16
C GLN A 443 20.66 -0.89 28.57
N SER A 444 21.62 -1.39 27.80
CA SER A 444 22.25 -2.68 28.09
C SER A 444 21.19 -3.76 28.27
N ARG A 445 20.24 -3.84 27.34
CA ARG A 445 19.12 -4.75 27.48
C ARG A 445 19.55 -6.18 27.08
N PRO A 446 18.72 -7.18 27.38
CA PRO A 446 19.11 -8.57 27.07
C PRO A 446 19.50 -8.81 25.61
N MET A 447 20.50 -9.65 25.41
CA MET A 447 20.92 -10.01 24.08
C MET A 447 20.90 -11.51 23.92
N THR A 448 20.61 -11.95 22.71
CA THR A 448 20.39 -13.37 22.45
C THR A 448 20.65 -13.67 20.97
N GLY A 449 20.36 -14.91 20.58
CA GLY A 449 20.33 -15.27 19.18
C GLY A 449 19.57 -16.59 19.11
N ALA A 450 19.09 -16.95 17.93
CA ALA A 450 18.32 -18.18 17.79
C ALA A 450 19.20 -19.33 17.31
N PHE A 451 19.17 -20.44 18.06
CA PHE A 451 20.00 -21.60 17.80
C PHE A 451 19.24 -22.71 17.08
N GLU A 452 19.86 -23.27 16.05
CA GLU A 452 19.31 -24.43 15.37
C GLU A 452 19.58 -25.68 16.21
N LYS A 453 19.11 -26.83 15.75
CA LYS A 453 19.31 -28.07 16.48
C LYS A 453 20.76 -28.55 16.44
N ASN A 454 21.47 -28.21 15.36
CA ASN A 454 22.88 -28.60 15.23
C ASN A 454 23.75 -28.06 16.36
N SER A 455 23.31 -26.96 16.99
CA SER A 455 23.98 -26.45 18.17
C SER A 455 23.60 -27.29 19.38
N LYS A 456 24.13 -28.51 19.45
CA LYS A 456 23.79 -29.43 20.53
C LYS A 456 24.28 -28.91 21.87
N PRO A 457 23.50 -29.13 22.94
CA PRO A 457 23.89 -28.65 24.28
C PRO A 457 25.31 -29.07 24.68
N GLU A 458 25.75 -30.24 24.20
CA GLU A 458 27.08 -30.74 24.53
C GLU A 458 28.19 -30.08 23.70
N LEU A 459 27.82 -29.49 22.56
CA LEU A 459 28.80 -29.01 21.59
C LEU A 459 28.79 -27.48 21.40
N CYS A 460 27.64 -26.85 21.56
CA CYS A 460 27.54 -25.40 21.33
C CYS A 460 28.45 -24.62 22.26
N LYS A 461 29.19 -23.66 21.71
CA LYS A 461 30.08 -22.85 22.51
C LYS A 461 29.55 -21.44 22.74
N CYS A 462 28.41 -21.13 22.12
CA CYS A 462 27.98 -19.73 22.07
C CYS A 462 26.80 -19.37 22.97
N TYR A 463 26.04 -20.34 23.46
CA TYR A 463 24.92 -19.96 24.34
C TYR A 463 25.36 -19.23 25.63
N PRO A 464 26.60 -19.43 26.15
CA PRO A 464 26.92 -18.60 27.32
C PRO A 464 27.03 -17.09 27.04
N LEU A 465 27.12 -16.68 25.78
CA LEU A 465 27.16 -15.27 25.43
C LEU A 465 25.80 -14.60 25.60
N CYS A 466 24.75 -15.42 25.61
CA CYS A 466 23.37 -14.94 25.62
C CYS A 466 22.85 -14.67 27.02
N ASP A 467 21.99 -13.67 27.17
CA ASP A 467 21.32 -13.44 28.45
C ASP A 467 20.11 -14.35 28.63
N PHE A 468 19.51 -14.77 27.51
CA PHE A 468 18.54 -15.86 27.52
C PHE A 468 18.71 -16.62 26.22
N ILE A 469 18.26 -17.86 26.21
CA ILE A 469 18.53 -18.74 25.08
C ILE A 469 17.28 -18.92 24.24
N CYS A 470 17.42 -18.68 22.94
CA CYS A 470 16.34 -18.87 21.99
C CYS A 470 16.61 -20.12 21.16
N LEU A 471 15.67 -21.07 21.21
CA LEU A 471 15.79 -22.30 20.45
C LEU A 471 14.78 -22.36 19.31
N ASN A 472 15.28 -22.75 18.13
CA ASN A 472 14.41 -23.11 17.02
C ASN A 472 14.34 -24.63 16.95
N ARG A 473 13.17 -25.21 17.15
CA ARG A 473 13.09 -26.67 17.16
C ARG A 473 11.87 -27.17 16.42
N TYR A 474 12.05 -28.28 15.73
CA TYR A 474 11.00 -28.82 14.88
C TYR A 474 10.84 -30.31 15.12
N TYR A 475 10.74 -30.67 16.40
CA TYR A 475 10.40 -32.02 16.77
C TYR A 475 8.94 -32.26 16.39
N GLY A 476 8.72 -33.15 15.42
CA GLY A 476 7.39 -33.37 14.88
C GLY A 476 7.21 -32.79 13.49
N TRP A 477 8.25 -32.13 12.97
CA TRP A 477 8.22 -31.73 11.56
C TRP A 477 9.48 -32.25 10.85
N TYR A 478 10.63 -31.61 11.07
CA TYR A 478 11.85 -32.05 10.40
C TYR A 478 12.44 -33.29 11.07
N ILE A 479 12.16 -33.45 12.35
CA ILE A 479 12.62 -34.56 13.16
C ILE A 479 11.42 -35.41 13.57
N SER A 480 11.36 -36.64 13.07
CA SER A 480 10.33 -37.60 13.47
C SER A 480 8.91 -37.06 13.29
N GLY A 481 8.61 -36.56 12.10
CA GLY A 481 7.26 -36.07 11.83
C GLY A 481 6.25 -37.17 11.58
N GLY A 482 4.97 -36.82 11.66
CA GLY A 482 3.91 -37.71 11.20
C GLY A 482 3.70 -38.93 12.07
N PRO A 483 3.79 -40.14 11.50
CA PRO A 483 3.62 -41.37 12.26
C PRO A 483 4.64 -41.52 13.40
N GLU A 484 5.71 -40.72 13.35
CA GLU A 484 6.74 -40.79 14.38
C GLU A 484 6.61 -39.71 15.44
N ILE A 485 5.49 -38.98 15.49
CA ILE A 485 5.40 -37.84 16.39
C ILE A 485 5.54 -38.23 17.87
N GLU A 486 5.18 -39.47 18.24
CA GLU A 486 5.38 -39.88 19.62
C GLU A 486 6.87 -40.00 19.91
N GLU A 487 7.64 -40.46 18.93
CA GLU A 487 9.09 -40.50 19.05
C GLU A 487 9.65 -39.08 19.11
N ALA A 488 9.05 -38.18 18.34
CA ALA A 488 9.50 -36.80 18.33
C ALA A 488 9.38 -36.19 19.71
N GLU A 489 8.28 -36.48 20.40
CA GLU A 489 8.06 -35.96 21.73
C GLU A 489 9.12 -36.50 22.69
N GLU A 490 9.43 -37.80 22.57
CA GLU A 490 10.44 -38.36 23.46
C GLU A 490 11.82 -37.74 23.18
N LEU A 491 12.14 -37.54 21.91
CA LEU A 491 13.42 -36.91 21.54
C LEU A 491 13.50 -35.47 22.04
N PHE A 492 12.37 -34.76 21.98
CA PHE A 492 12.31 -33.37 22.43
C PHE A 492 12.59 -33.34 23.93
N ARG A 493 11.91 -34.23 24.67
CA ARG A 493 12.11 -34.30 26.12
C ARG A 493 13.53 -34.73 26.45
N ASP A 494 14.11 -35.58 25.62
CA ASP A 494 15.50 -35.97 25.83
C ASP A 494 16.41 -34.76 25.76
N GLU A 495 16.21 -33.90 24.76
CA GLU A 495 17.08 -32.74 24.63
C GLU A 495 16.84 -31.75 25.77
N MET A 496 15.58 -31.54 26.10
CA MET A 496 15.26 -30.59 27.17
C MET A 496 15.75 -31.09 28.53
N ASP A 497 15.72 -32.39 28.75
CA ASP A 497 16.29 -32.96 29.98
C ASP A 497 17.79 -32.68 30.05
N ARG A 498 18.45 -32.67 28.90
CA ARG A 498 19.88 -32.36 28.89
C ARG A 498 20.10 -30.89 29.19
N TRP A 499 19.26 -30.02 28.65
CA TRP A 499 19.39 -28.60 28.98
C TRP A 499 19.11 -28.40 30.45
N LYS A 500 18.08 -29.07 30.96
CA LYS A 500 17.70 -28.99 32.37
C LYS A 500 18.86 -29.39 33.29
N ALA A 501 19.52 -30.49 32.96
CA ALA A 501 20.64 -30.98 33.77
C ALA A 501 21.83 -30.04 33.76
N LYS A 502 21.91 -29.16 32.78
CA LYS A 502 22.98 -28.16 32.75
C LYS A 502 22.71 -27.05 33.76
N GLU A 503 21.46 -26.95 34.21
CA GLU A 503 21.04 -25.99 35.22
C GLU A 503 21.66 -24.61 34.97
N LEU A 504 21.42 -24.08 33.78
CA LEU A 504 22.04 -22.84 33.36
C LEU A 504 21.49 -21.62 34.10
N ASN A 505 20.32 -21.78 34.69
CA ASN A 505 19.58 -20.69 35.35
C ASN A 505 19.36 -19.47 34.45
N VAL A 506 19.04 -19.73 33.18
CA VAL A 506 18.63 -18.67 32.27
C VAL A 506 17.27 -19.02 31.64
N PRO A 507 16.54 -18.00 31.18
CA PRO A 507 15.27 -18.31 30.51
C PRO A 507 15.53 -18.92 29.16
N PHE A 508 14.67 -19.85 28.77
CA PHE A 508 14.64 -20.38 27.41
C PHE A 508 13.38 -19.88 26.71
N VAL A 509 13.54 -19.45 25.48
CA VAL A 509 12.39 -19.03 24.70
C VAL A 509 12.42 -19.83 23.41
N PHE A 510 11.32 -20.49 23.06
CA PHE A 510 11.28 -21.14 21.77
C PHE A 510 10.92 -20.11 20.72
N THR A 511 11.87 -19.84 19.83
CA THR A 511 11.66 -18.80 18.83
C THR A 511 11.20 -19.36 17.48
N GLU A 512 11.25 -20.67 17.30
CA GLU A 512 10.62 -21.29 16.14
C GLU A 512 10.14 -22.68 16.51
N PHE A 513 8.96 -23.01 15.99
CA PHE A 513 8.37 -24.35 16.02
C PHE A 513 7.13 -24.22 15.15
N GLY A 514 6.85 -25.23 14.33
CA GLY A 514 5.73 -25.13 13.42
C GLY A 514 5.75 -26.23 12.39
N THR A 515 4.69 -26.29 11.60
CA THR A 515 4.52 -27.29 10.54
C THR A 515 4.01 -26.64 9.28
N ASP A 516 4.51 -27.02 8.12
CA ASP A 516 3.86 -26.52 6.90
C ASP A 516 2.45 -27.05 6.86
N THR A 517 1.52 -26.16 6.56
CA THR A 517 0.10 -26.46 6.67
C THR A 517 -0.63 -25.82 5.51
N MET A 518 -1.23 -26.65 4.66
CA MET A 518 -1.94 -26.13 3.50
C MET A 518 -3.41 -25.84 3.82
N ALA A 519 -3.78 -24.57 3.86
CA ALA A 519 -5.18 -24.24 4.15
C ALA A 519 -6.11 -25.13 3.34
N GLY A 520 -7.05 -25.75 4.04
CA GLY A 520 -8.02 -26.62 3.39
C GLY A 520 -7.65 -28.08 3.25
N LEU A 521 -6.41 -28.42 3.60
CA LEU A 521 -6.03 -29.82 3.64
C LEU A 521 -6.46 -30.42 4.97
N HIS A 522 -7.48 -31.28 4.91
CA HIS A 522 -8.02 -31.92 6.08
C HIS A 522 -7.81 -33.42 6.00
N LYS A 523 -7.46 -34.05 7.11
CA LYS A 523 -7.37 -35.50 7.15
C LYS A 523 -7.64 -35.99 8.55
N LEU A 524 -8.31 -37.16 8.61
CA LEU A 524 -8.58 -37.87 9.84
C LEU A 524 -8.27 -39.34 9.60
N PRO A 525 -7.21 -39.88 10.26
CA PRO A 525 -6.30 -39.15 11.15
C PRO A 525 -5.43 -38.16 10.40
N SER A 526 -4.88 -37.20 11.13
CA SER A 526 -4.12 -36.13 10.54
C SER A 526 -2.88 -36.63 9.80
N ILE A 527 -2.43 -35.84 8.84
CA ILE A 527 -1.16 -36.06 8.16
C ILE A 527 -0.34 -34.79 8.19
N MET A 528 0.98 -34.94 8.11
CA MET A 528 1.83 -33.78 7.87
C MET A 528 1.27 -33.01 6.68
N TRP A 529 1.20 -31.68 6.83
CA TRP A 529 0.66 -30.68 5.87
C TRP A 529 -0.83 -30.39 6.10
N SER A 530 -1.53 -31.23 6.84
CA SER A 530 -2.95 -30.94 7.13
C SER A 530 -3.14 -29.95 8.28
N GLU A 531 -4.30 -29.31 8.31
CA GLU A 531 -4.62 -28.35 9.36
C GLU A 531 -4.71 -29.04 10.72
N GLU A 532 -5.20 -30.28 10.71
CA GLU A 532 -5.31 -31.03 11.95
C GLU A 532 -3.95 -31.37 12.53
N TYR A 533 -2.98 -31.68 11.67
CA TYR A 533 -1.66 -32.02 12.17
C TYR A 533 -0.99 -30.80 12.83
N GLN A 534 -1.21 -29.63 12.25
CA GLN A 534 -0.67 -28.40 12.80
C GLN A 534 -1.17 -28.26 14.24
N LYS A 535 -2.46 -28.52 14.46
CA LYS A 535 -3.02 -28.45 15.82
C LYS A 535 -2.36 -29.47 16.75
N GLU A 536 -2.23 -30.71 16.29
CA GLU A 536 -1.70 -31.78 17.14
C GLU A 536 -0.22 -31.57 17.46
N TYR A 537 0.52 -31.09 16.46
CA TYR A 537 1.91 -30.75 16.64
C TYR A 537 2.07 -29.69 17.72
N LEU A 538 1.23 -28.66 17.66
CA LEU A 538 1.34 -27.58 18.65
C LEU A 538 0.98 -28.10 20.03
N GLU A 539 -0.05 -28.94 20.12
CA GLU A 539 -0.44 -29.46 21.43
C GLU A 539 0.71 -30.27 22.02
N MET A 540 1.43 -31.01 21.17
CA MET A 540 2.53 -31.81 21.66
C MET A 540 3.64 -30.91 22.16
N ASN A 541 3.97 -29.90 21.36
CA ASN A 541 5.01 -28.95 21.75
C ASN A 541 4.67 -28.26 23.06
N PHE A 542 3.42 -27.83 23.24
CA PHE A 542 3.02 -27.19 24.50
C PHE A 542 3.21 -28.09 25.70
N ARG A 543 2.88 -29.38 25.56
CA ARG A 543 3.08 -30.33 26.66
C ARG A 543 4.55 -30.34 27.07
N VAL A 544 5.44 -30.32 26.09
CA VAL A 544 6.87 -30.33 26.38
C VAL A 544 7.30 -29.01 27.01
N PHE A 545 6.94 -27.88 26.37
CA PHE A 545 7.28 -26.55 26.92
C PHE A 545 6.92 -26.47 28.40
N ASP A 546 5.69 -26.91 28.70
CA ASP A 546 5.13 -26.77 30.03
C ASP A 546 5.76 -27.71 31.06
N SER A 547 6.62 -28.60 30.59
CA SER A 547 7.26 -29.56 31.49
C SER A 547 8.53 -29.00 32.14
N TYR A 548 8.97 -27.83 31.69
CA TYR A 548 10.24 -27.26 32.13
C TYR A 548 10.04 -25.83 32.62
N GLU A 549 10.42 -25.60 33.88
CA GLU A 549 10.21 -24.32 34.53
C GLU A 549 10.94 -23.18 33.83
N PHE A 550 12.10 -23.49 33.24
CA PHE A 550 12.94 -22.42 32.73
C PHE A 550 12.49 -21.94 31.35
N VAL A 551 11.47 -22.59 30.80
CA VAL A 551 10.88 -22.08 29.55
C VAL A 551 10.08 -20.82 29.90
N GLN A 552 10.29 -19.75 29.15
CA GLN A 552 9.75 -18.45 29.54
C GLN A 552 9.12 -17.78 28.32
N GLY A 553 9.02 -18.50 27.22
CA GLY A 553 8.37 -17.90 26.08
C GLY A 553 8.25 -18.83 24.90
N GLU A 554 7.30 -18.52 24.03
CA GLU A 554 7.03 -19.33 22.86
C GLU A 554 6.61 -18.42 21.72
N LEU A 555 7.44 -18.34 20.70
CA LEU A 555 7.15 -17.57 19.50
C LEU A 555 7.10 -18.53 18.32
N ALA A 556 5.90 -18.78 17.83
CA ALA A 556 5.69 -19.78 16.80
C ALA A 556 6.21 -19.33 15.46
N TRP A 557 6.66 -20.29 14.67
CA TRP A 557 7.05 -20.05 13.29
C TRP A 557 5.94 -20.55 12.40
N ASN A 558 5.25 -19.70 11.64
CA ASN A 558 5.41 -18.25 11.50
C ASN A 558 4.03 -17.64 11.73
N PHE A 559 3.96 -16.32 11.93
CA PHE A 559 2.67 -15.65 11.96
C PHE A 559 1.85 -15.93 10.69
N ALA A 560 2.49 -15.81 9.52
CA ALA A 560 1.76 -15.96 8.26
C ALA A 560 2.61 -16.63 7.21
N ASP A 561 1.96 -17.39 6.32
CA ASP A 561 2.62 -17.96 5.15
C ASP A 561 3.36 -16.86 4.41
N PHE A 562 4.56 -17.15 3.90
CA PHE A 562 5.41 -16.14 3.31
C PHE A 562 6.23 -16.70 2.14
N GLN A 563 6.74 -15.82 1.29
CA GLN A 563 7.43 -16.24 0.08
C GLN A 563 8.87 -16.72 0.30
N THR A 564 9.20 -17.86 -0.30
CA THR A 564 10.57 -18.37 -0.30
C THR A 564 11.03 -18.53 -1.75
N THR A 565 12.30 -18.86 -1.89
CA THR A 565 12.75 -19.31 -3.19
C THR A 565 11.98 -20.60 -3.58
N GLU A 566 11.78 -20.81 -4.88
CA GLU A 566 11.18 -22.02 -5.42
C GLU A 566 12.00 -23.26 -5.13
N GLY A 567 11.30 -24.38 -4.93
CA GLY A 567 11.97 -25.65 -4.77
C GLY A 567 11.02 -26.80 -4.49
N ILE A 568 11.56 -28.00 -4.44
CA ILE A 568 10.73 -29.19 -4.21
C ILE A 568 10.23 -29.27 -2.76
N MET A 569 10.71 -28.42 -1.88
CA MET A 569 10.26 -28.41 -0.51
C MET A 569 9.38 -27.25 -0.14
N ARG A 570 9.13 -26.37 -1.09
CA ARG A 570 8.34 -25.17 -0.82
C ARG A 570 7.18 -25.05 -1.81
N VAL A 571 5.97 -25.18 -1.30
CA VAL A 571 4.78 -25.16 -2.15
C VAL A 571 4.22 -23.75 -2.21
N ASP A 572 4.69 -22.96 -3.17
CA ASP A 572 4.42 -21.52 -3.17
C ASP A 572 4.80 -20.92 -1.82
N GLY A 573 6.09 -20.97 -1.51
CA GLY A 573 6.58 -20.38 -0.26
C GLY A 573 6.47 -21.31 0.93
N ASN A 574 6.59 -20.72 2.12
CA ASN A 574 6.63 -21.45 3.38
C ASN A 574 5.24 -21.38 3.98
N HIS A 575 4.67 -22.54 4.28
CA HIS A 575 3.30 -22.59 4.77
C HIS A 575 3.20 -22.91 6.25
N LYS A 576 4.24 -22.57 7.00
CA LYS A 576 4.17 -22.76 8.45
C LYS A 576 3.39 -21.64 9.13
N GLY A 577 2.80 -20.75 8.35
CA GLY A 577 1.96 -19.73 8.94
C GLY A 577 0.79 -20.29 9.73
N VAL A 578 0.44 -19.57 10.78
CA VAL A 578 -0.77 -19.81 11.53
C VAL A 578 -1.92 -19.09 10.82
N PHE A 579 -1.56 -18.02 10.10
CA PHE A 579 -2.44 -17.31 9.19
C PHE A 579 -1.98 -17.55 7.76
N THR A 580 -2.91 -17.41 6.83
CA THR A 580 -2.53 -17.45 5.42
C THR A 580 -1.81 -16.16 5.06
N ARG A 581 -1.24 -16.12 3.86
CA ARG A 581 -0.55 -14.92 3.42
C ARG A 581 -1.48 -13.72 3.33
N ASP A 582 -2.76 -13.92 3.01
CA ASP A 582 -3.67 -12.78 3.03
C ASP A 582 -4.35 -12.62 4.40
N ARG A 583 -3.72 -13.20 5.42
CA ARG A 583 -3.96 -12.86 6.84
C ARG A 583 -5.30 -13.40 7.36
N GLN A 584 -5.60 -14.66 7.04
CA GLN A 584 -6.79 -15.31 7.58
C GLN A 584 -6.35 -16.55 8.38
N PRO A 585 -7.06 -16.87 9.47
CA PRO A 585 -6.61 -17.91 10.40
C PRO A 585 -6.83 -19.35 9.91
N LYS A 586 -5.80 -20.17 9.99
CA LYS A 586 -5.99 -21.61 9.86
C LYS A 586 -6.56 -22.16 11.16
N ALA A 587 -6.89 -23.45 11.20
CA ALA A 587 -7.49 -24.04 12.39
C ALA A 587 -6.65 -23.81 13.64
N ALA A 588 -5.34 -23.89 13.48
CA ALA A 588 -4.41 -23.84 14.61
C ALA A 588 -4.38 -22.47 15.27
N ALA A 589 -4.84 -21.44 14.56
CA ALA A 589 -4.83 -20.09 15.13
C ALA A 589 -5.64 -20.03 16.42
N VAL A 590 -6.74 -20.79 16.47
CA VAL A 590 -7.59 -20.80 17.66
C VAL A 590 -6.91 -21.53 18.82
N VAL A 591 -6.06 -22.49 18.49
CA VAL A 591 -5.30 -23.20 19.52
C VAL A 591 -4.42 -22.19 20.27
N PHE A 592 -3.74 -21.32 19.53
CA PHE A 592 -2.95 -20.28 20.19
C PHE A 592 -3.85 -19.33 20.99
N LYS A 593 -4.92 -18.88 20.36
CA LYS A 593 -5.84 -17.94 21.01
C LYS A 593 -6.30 -18.47 22.37
N ASP A 594 -6.74 -19.72 22.40
CA ASP A 594 -7.25 -20.28 23.63
C ASP A 594 -6.17 -20.47 24.70
N ARG A 595 -4.98 -20.85 24.27
CA ARG A 595 -3.89 -21.07 25.22
C ARG A 595 -3.38 -19.76 25.81
N TRP A 596 -3.26 -18.74 24.96
CA TRP A 596 -2.66 -17.47 25.37
C TRP A 596 -3.63 -16.56 26.10
N GLU A 597 -4.92 -16.88 26.04
CA GLU A 597 -5.93 -16.07 26.73
C GLU A 597 -5.70 -16.11 28.23
N LEU B 2 -18.22 24.24 -10.88
CA LEU B 2 -17.78 23.79 -9.56
C LEU B 2 -17.14 24.93 -8.79
N GLU B 3 -17.28 24.94 -7.46
CA GLU B 3 -16.69 25.97 -6.62
C GLU B 3 -15.30 25.61 -6.12
N TYR B 4 -14.59 24.81 -6.91
CA TYR B 4 -13.26 24.35 -6.56
C TYR B 4 -12.64 23.77 -7.82
N SER B 5 -11.35 23.50 -7.77
CA SER B 5 -10.65 22.88 -8.89
C SER B 5 -10.54 21.36 -8.72
N GLU B 6 -10.72 20.63 -9.82
CA GLU B 6 -10.47 19.19 -9.82
C GLU B 6 -9.03 18.83 -10.21
N LEU B 7 -8.22 19.83 -10.56
CA LEU B 7 -6.87 19.57 -11.07
C LEU B 7 -6.02 18.80 -10.09
N TYR B 8 -5.29 17.81 -10.59
CA TYR B 8 -4.43 17.01 -9.76
C TYR B 8 -3.35 17.89 -9.16
N PRO B 9 -3.02 17.68 -7.87
CA PRO B 9 -2.08 18.64 -7.25
C PRO B 9 -0.65 18.45 -7.72
N ILE B 10 0.04 19.58 -7.89
CA ILE B 10 1.44 19.57 -8.27
C ILE B 10 2.20 20.54 -7.37
N GLN B 11 3.51 20.43 -7.44
CA GLN B 11 4.38 21.23 -6.66
C GLN B 11 5.41 21.96 -7.50
N ASN B 12 5.48 23.24 -7.39
CA ASN B 12 6.43 24.08 -8.12
C ASN B 12 6.57 25.41 -7.37
N GLU B 13 7.08 26.43 -8.05
CA GLU B 13 7.32 27.72 -7.39
C GLU B 13 6.02 28.36 -6.86
N TYR B 14 4.89 28.02 -7.48
CA TYR B 14 3.65 28.72 -7.18
C TYR B 14 2.70 27.85 -6.38
N ARG B 15 2.85 26.54 -6.52
CA ARG B 15 1.95 25.59 -5.88
C ARG B 15 2.70 24.66 -4.92
N MET B 16 2.16 24.49 -3.73
CA MET B 16 2.78 23.57 -2.79
C MET B 16 1.84 22.45 -2.40
N MET B 17 2.42 21.35 -1.95
CA MET B 17 1.61 20.22 -1.51
C MET B 17 2.35 19.43 -0.45
N GLN B 18 1.57 18.84 0.43
CA GLN B 18 2.08 18.01 1.51
C GLN B 18 1.13 16.82 1.65
N SER B 19 1.69 15.61 1.68
CA SER B 19 0.85 14.43 1.83
C SER B 19 0.38 14.25 3.25
N LEU B 20 -0.91 13.93 3.42
CA LEU B 20 -1.45 13.61 4.74
C LEU B 20 -1.66 12.11 4.92
N ASP B 21 -1.18 11.31 3.98
CA ASP B 21 -1.28 9.85 4.08
C ASP B 21 -0.53 9.34 5.30
N GLY B 22 -0.97 8.22 5.84
CA GLY B 22 -0.33 7.61 7.00
C GLY B 22 -1.37 7.08 7.95
N MET B 23 -1.01 6.98 9.22
CA MET B 23 -1.95 6.53 10.24
C MET B 23 -2.74 7.69 10.79
N TRP B 24 -4.05 7.64 10.60
CA TRP B 24 -4.92 8.64 11.18
C TRP B 24 -5.56 8.10 12.43
N LYS B 25 -6.19 8.99 13.18
CA LYS B 25 -7.03 8.58 14.29
C LYS B 25 -8.43 8.29 13.74
N PHE B 26 -9.15 7.38 14.38
CA PHE B 26 -10.40 6.85 13.82
C PHE B 26 -11.31 6.45 14.94
N GLN B 27 -12.59 6.72 14.80
CA GLN B 27 -13.55 6.28 15.81
C GLN B 27 -14.95 6.05 15.23
N PHE B 28 -15.53 4.91 15.58
CA PHE B 28 -16.90 4.63 15.16
C PHE B 28 -17.85 5.48 15.98
N ASP B 29 -18.99 5.86 15.40
CA ASP B 29 -19.97 6.70 16.08
C ASP B 29 -21.38 6.11 15.98
N PRO B 30 -21.61 4.95 16.60
CA PRO B 30 -22.90 4.26 16.42
C PRO B 30 -24.09 5.05 16.95
N GLU B 31 -23.89 5.93 17.93
CA GLU B 31 -25.01 6.67 18.52
C GLU B 31 -25.22 8.04 17.85
N GLU B 32 -24.40 8.32 16.83
CA GLU B 32 -24.47 9.59 16.10
C GLU B 32 -24.37 10.78 17.05
N ILE B 33 -23.37 10.76 17.92
CA ILE B 33 -23.22 11.83 18.90
C ILE B 33 -21.96 12.66 18.69
N GLY B 34 -21.19 12.35 17.66
CA GLY B 34 -19.96 13.08 17.39
C GLY B 34 -20.07 14.59 17.26
N LYS B 35 -21.02 15.05 16.48
CA LYS B 35 -21.13 16.50 16.31
C LYS B 35 -21.75 17.07 17.55
N LYS B 36 -22.49 16.29 18.28
CA LYS B 36 -23.09 16.74 19.51
C LYS B 36 -22.09 16.78 20.67
N SER B 37 -20.92 16.19 20.47
CA SER B 37 -20.00 15.96 21.59
C SER B 37 -18.61 16.52 21.33
N GLY B 38 -18.52 17.42 20.35
CA GLY B 38 -17.29 18.14 20.09
C GLY B 38 -16.21 17.34 19.38
N TRP B 39 -16.59 16.28 18.67
CA TRP B 39 -15.59 15.44 18.01
C TRP B 39 -14.88 16.19 16.89
N GLU B 40 -15.47 17.28 16.40
CA GLU B 40 -14.82 18.02 15.33
C GLU B 40 -13.60 18.75 15.87
N ASN B 41 -13.45 18.78 17.20
CA ASN B 41 -12.25 19.32 17.84
C ASN B 41 -11.28 18.23 18.25
N GLY B 42 -11.61 16.97 17.94
CA GLY B 42 -10.76 15.86 18.30
C GLY B 42 -11.56 14.67 18.78
N LEU B 43 -11.15 13.47 18.38
CA LEU B 43 -11.86 12.26 18.75
C LEU B 43 -11.49 11.81 20.17
N PRO B 44 -12.48 11.40 20.94
CA PRO B 44 -12.23 11.14 22.37
C PRO B 44 -11.54 9.81 22.69
N ALA B 45 -11.76 8.78 21.89
CA ALA B 45 -11.15 7.48 22.15
C ALA B 45 -10.82 6.77 20.85
N PRO B 46 -9.90 7.36 20.08
CA PRO B 46 -9.65 6.81 18.74
C PRO B 46 -8.75 5.58 18.72
N VAL B 47 -8.81 4.88 17.61
CA VAL B 47 -7.77 3.92 17.25
C VAL B 47 -7.08 4.42 15.99
N SER B 48 -5.98 3.76 15.62
CA SER B 48 -5.25 4.11 14.42
C SER B 48 -5.88 3.49 13.19
N MET B 49 -5.93 4.26 12.10
CA MET B 49 -6.46 3.75 10.84
C MET B 49 -5.59 4.22 9.66
N PRO B 50 -5.14 3.27 8.84
CA PRO B 50 -4.35 3.62 7.67
C PRO B 50 -5.15 4.46 6.67
N VAL B 51 -4.49 5.46 6.11
CA VAL B 51 -5.03 6.22 5.00
C VAL B 51 -3.95 6.32 3.93
N PRO B 52 -4.25 5.94 2.69
CA PRO B 52 -5.52 5.44 2.15
C PRO B 52 -5.79 3.98 2.45
N SER B 53 -7.04 3.65 2.72
CA SER B 53 -7.52 2.27 2.83
C SER B 53 -9.02 2.30 3.09
N SER B 54 -9.65 1.16 2.85
CA SER B 54 -10.98 0.91 3.36
C SER B 54 -10.82 0.42 4.79
N PHE B 55 -11.68 0.77 5.71
CA PHE B 55 -11.47 0.35 7.11
C PHE B 55 -11.88 -1.09 7.43
N ALA B 56 -12.79 -1.62 6.63
CA ALA B 56 -13.45 -2.84 6.99
C ALA B 56 -12.61 -4.07 7.32
N ASP B 57 -11.65 -4.37 6.47
CA ASP B 57 -11.03 -5.69 6.55
C ASP B 57 -9.86 -5.77 7.53
N PHE B 58 -9.56 -4.66 8.20
CA PHE B 58 -8.52 -4.69 9.22
C PHE B 58 -8.98 -5.44 10.46
N PHE B 59 -10.25 -5.27 10.80
CA PHE B 59 -10.77 -5.69 12.10
C PHE B 59 -11.02 -7.21 12.19
N THR B 60 -11.12 -7.71 13.40
CA THR B 60 -11.38 -9.14 13.57
C THR B 60 -12.77 -9.45 14.11
N ASP B 61 -13.61 -8.42 14.31
CA ASP B 61 -14.98 -8.61 14.78
C ASP B 61 -15.98 -8.21 13.71
N HIS B 62 -17.07 -8.98 13.58
CA HIS B 62 -18.07 -8.73 12.55
C HIS B 62 -18.65 -7.31 12.60
N LYS B 63 -18.95 -6.85 13.80
CA LYS B 63 -19.64 -5.58 13.92
C LYS B 63 -18.77 -4.41 13.45
N GLU B 64 -17.45 -4.58 13.54
CA GLU B 64 -16.55 -3.55 13.05
C GLU B 64 -16.47 -3.61 11.52
N ARG B 65 -16.29 -4.81 10.99
CA ARG B 65 -16.22 -5.00 9.54
C ARG B 65 -17.49 -4.51 8.86
N ASP B 66 -18.61 -4.83 9.47
CA ASP B 66 -19.91 -4.53 8.86
C ASP B 66 -20.46 -3.19 9.30
N TYR B 67 -19.64 -2.36 9.95
CA TYR B 67 -20.14 -1.10 10.50
C TYR B 67 -20.80 -0.24 9.45
N CYS B 68 -21.99 0.26 9.76
CA CYS B 68 -22.74 1.14 8.86
C CYS B 68 -23.26 2.31 9.67
N GLY B 69 -22.97 3.52 9.21
CA GLY B 69 -23.41 4.71 9.92
C GLY B 69 -22.35 5.79 9.90
N ASP B 70 -22.31 6.59 10.95
CA ASP B 70 -21.32 7.67 11.11
C ASP B 70 -20.01 7.16 11.69
N PHE B 71 -18.89 7.59 11.12
CA PHE B 71 -17.58 7.27 11.68
C PHE B 71 -16.62 8.40 11.35
N TRP B 72 -15.55 8.51 12.13
CA TRP B 72 -14.75 9.73 12.10
C TRP B 72 -13.26 9.46 11.89
N TYR B 73 -12.60 10.39 11.20
CA TYR B 73 -11.15 10.37 11.00
C TYR B 73 -10.56 11.67 11.54
N GLU B 74 -9.34 11.59 12.06
CA GLU B 74 -8.64 12.79 12.50
C GLU B 74 -7.15 12.67 12.25
N THR B 75 -6.51 13.77 11.87
CA THR B 75 -5.07 13.79 11.91
C THR B 75 -4.60 15.21 12.13
N GLU B 76 -3.31 15.37 12.40
CA GLU B 76 -2.72 16.67 12.56
C GLU B 76 -1.58 16.80 11.57
N PHE B 77 -1.28 18.02 11.19
CA PHE B 77 -0.21 18.27 10.24
C PHE B 77 0.40 19.63 10.53
N TYR B 78 1.70 19.74 10.28
CA TYR B 78 2.38 21.03 10.45
C TYR B 78 2.39 21.78 9.12
N LEU B 79 1.89 23.01 9.15
CA LEU B 79 1.83 23.84 7.96
C LEU B 79 3.01 24.80 7.97
N PRO B 80 3.86 24.76 6.93
CA PRO B 80 4.99 25.69 6.84
C PRO B 80 4.53 27.14 6.83
N ALA B 81 5.26 28.02 7.52
CA ALA B 81 4.92 29.43 7.59
C ALA B 81 4.78 30.08 6.21
N GLU B 82 5.60 29.63 5.27
CA GLU B 82 5.62 30.19 3.92
C GLU B 82 4.26 30.12 3.23
N TRP B 83 3.42 29.18 3.66
CA TRP B 83 2.11 29.01 3.02
C TRP B 83 1.15 30.15 3.36
N ARG B 84 1.57 31.04 4.25
CA ARG B 84 0.70 32.11 4.74
C ARG B 84 0.04 32.91 3.62
N ASN B 85 -1.26 33.17 3.80
CA ASN B 85 -2.05 34.00 2.90
C ASN B 85 -2.19 33.44 1.48
N LYS B 86 -1.76 32.21 1.25
CA LYS B 86 -2.08 31.54 -0.01
C LYS B 86 -3.49 30.99 0.10
N LYS B 87 -4.02 30.47 -1.01
CA LYS B 87 -5.26 29.73 -0.96
C LYS B 87 -4.94 28.29 -0.57
N ILE B 88 -5.31 27.94 0.65
CA ILE B 88 -4.93 26.64 1.21
C ILE B 88 -6.13 25.71 1.20
N TRP B 89 -5.94 24.53 0.62
CA TRP B 89 -7.02 23.56 0.47
C TRP B 89 -6.64 22.20 1.03
N LEU B 90 -7.59 21.55 1.68
CA LEU B 90 -7.50 20.11 1.88
C LEU B 90 -8.07 19.43 0.64
N ARG B 91 -7.36 18.43 0.13
CA ARG B 91 -7.81 17.68 -1.03
C ARG B 91 -7.86 16.21 -0.70
N PHE B 92 -9.06 15.65 -0.73
CA PHE B 92 -9.26 14.22 -0.50
C PHE B 92 -9.48 13.55 -1.83
N GLY B 93 -8.74 12.49 -2.12
CA GLY B 93 -8.99 11.72 -3.33
C GLY B 93 -10.45 11.30 -3.41
N SER B 94 -10.98 10.92 -2.25
CA SER B 94 -12.41 10.65 -2.08
C SER B 94 -12.72 10.59 -0.59
N ILE B 95 -14.00 10.68 -0.28
CA ILE B 95 -14.55 10.45 1.06
C ILE B 95 -15.79 9.58 0.88
N THR B 96 -15.73 8.33 1.33
CA THR B 96 -16.74 7.34 0.95
C THR B 96 -17.69 7.04 2.11
N HIS B 97 -19.00 7.31 2.01
CA HIS B 97 -19.70 7.82 0.81
C HIS B 97 -19.97 9.31 0.82
N ARG B 98 -20.08 9.86 2.03
CA ARG B 98 -20.45 11.26 2.19
C ARG B 98 -19.82 11.74 3.48
N GLY B 99 -19.58 13.04 3.59
CA GLY B 99 -18.93 13.48 4.80
C GLY B 99 -18.89 14.97 4.96
N THR B 100 -18.43 15.39 6.13
CA THR B 100 -18.22 16.80 6.41
C THR B 100 -16.78 16.97 6.87
N VAL B 101 -16.08 17.94 6.28
CA VAL B 101 -14.69 18.21 6.61
C VAL B 101 -14.61 19.37 7.60
N TYR B 102 -13.91 19.13 8.71
CA TYR B 102 -13.61 20.16 9.69
C TYR B 102 -12.11 20.45 9.70
N CYS B 103 -11.75 21.71 9.93
CA CYS B 103 -10.34 22.03 10.11
C CYS B 103 -10.23 23.04 11.23
N ASN B 104 -9.36 22.73 12.19
CA ASN B 104 -9.17 23.55 13.37
C ASN B 104 -10.50 23.89 14.03
N GLY B 105 -11.38 22.90 14.05
CA GLY B 105 -12.66 23.02 14.73
C GLY B 105 -13.76 23.70 13.93
N MET B 106 -13.49 24.02 12.67
CA MET B 106 -14.43 24.77 11.85
C MET B 106 -14.98 23.92 10.72
N GLU B 107 -16.30 23.93 10.53
CA GLU B 107 -16.90 23.20 9.41
C GLU B 107 -16.49 23.89 8.11
N ILE B 108 -15.93 23.12 7.17
CA ILE B 108 -15.41 23.71 5.94
C ILE B 108 -16.32 23.41 4.76
N THR B 109 -16.57 22.12 4.54
CA THR B 109 -17.43 21.71 3.43
C THR B 109 -18.03 20.35 3.71
N SER B 110 -19.07 20.02 2.95
CA SER B 110 -19.64 18.68 2.96
C SER B 110 -19.70 18.19 1.53
N HIS B 111 -19.68 16.88 1.35
CA HIS B 111 -19.72 16.31 0.01
C HIS B 111 -20.50 15.00 0.03
N GLU B 112 -21.28 14.79 -1.02
CA GLU B 112 -22.05 13.58 -1.26
C GLU B 112 -21.54 12.88 -2.52
N GLY B 113 -21.09 11.64 -2.39
CA GLY B 113 -20.52 10.93 -3.52
C GLY B 113 -19.14 10.44 -3.14
N GLY B 114 -18.95 9.12 -3.13
CA GLY B 114 -17.78 8.56 -2.47
C GLY B 114 -16.60 8.19 -3.33
N PHE B 115 -16.60 8.62 -4.59
CA PHE B 115 -15.57 8.16 -5.51
C PHE B 115 -14.92 9.28 -6.34
N LEU B 116 -15.04 10.51 -5.86
CA LEU B 116 -14.47 11.66 -6.55
C LEU B 116 -13.89 12.65 -5.57
N PRO B 117 -12.96 13.52 -6.03
CA PRO B 117 -12.26 14.38 -5.07
C PRO B 117 -13.16 15.32 -4.26
N VAL B 118 -12.76 15.52 -3.01
CA VAL B 118 -13.40 16.48 -2.14
C VAL B 118 -12.39 17.58 -1.82
N LEU B 119 -12.77 18.81 -2.14
CA LEU B 119 -11.92 19.98 -1.93
C LEU B 119 -12.52 20.84 -0.84
N ALA B 120 -11.69 21.16 0.15
CA ALA B 120 -12.14 21.96 1.27
C ALA B 120 -11.22 23.17 1.44
N ASP B 121 -11.77 24.37 1.29
CA ASP B 121 -10.98 25.60 1.33
C ASP B 121 -10.77 26.03 2.79
N ILE B 122 -9.56 25.80 3.30
CA ILE B 122 -9.25 26.15 4.68
C ILE B 122 -8.42 27.45 4.78
N SER B 123 -8.48 28.28 3.75
CA SER B 123 -7.67 29.50 3.72
C SER B 123 -7.86 30.40 4.93
N THR B 124 -9.10 30.52 5.40
CA THR B 124 -9.40 31.43 6.49
C THR B 124 -9.22 30.81 7.88
N VAL B 125 -9.04 29.50 7.96
CA VAL B 125 -8.86 28.86 9.27
C VAL B 125 -7.52 28.19 9.45
N ALA B 126 -6.77 28.05 8.34
CA ALA B 126 -5.44 27.46 8.40
C ALA B 126 -4.50 28.27 9.30
N LYS B 127 -3.60 27.56 9.98
CA LYS B 127 -2.63 28.18 10.87
C LYS B 127 -1.21 27.93 10.37
N PRO B 128 -0.68 28.87 9.55
CA PRO B 128 0.68 28.70 9.03
C PRO B 128 1.73 28.77 10.14
N GLY B 129 2.74 27.92 10.06
CA GLY B 129 3.80 27.89 11.05
C GLY B 129 3.34 27.28 12.35
N GLN B 130 2.28 26.47 12.26
CA GLN B 130 1.69 25.84 13.43
C GLN B 130 1.17 24.46 13.09
N VAL B 131 0.89 23.68 14.13
CA VAL B 131 0.18 22.41 13.95
C VAL B 131 -1.29 22.69 13.68
N ASN B 132 -1.84 22.00 12.69
CA ASN B 132 -3.23 22.12 12.30
C ASN B 132 -3.91 20.77 12.48
N GLN B 133 -5.23 20.80 12.59
CA GLN B 133 -6.00 19.58 12.80
C GLN B 133 -7.07 19.44 11.73
N VAL B 134 -7.21 18.26 11.15
CA VAL B 134 -8.35 17.99 10.29
C VAL B 134 -9.17 16.84 10.87
N VAL B 135 -10.48 17.02 10.90
CA VAL B 135 -11.39 15.99 11.35
C VAL B 135 -12.46 15.79 10.29
N VAL B 136 -12.77 14.54 9.97
CA VAL B 136 -13.79 14.25 8.98
C VAL B 136 -14.87 13.36 9.57
N LYS B 137 -16.10 13.84 9.52
CA LYS B 137 -17.25 13.00 9.78
C LYS B 137 -17.65 12.31 8.49
N ILE B 138 -17.69 10.98 8.50
CA ILE B 138 -18.05 10.22 7.30
C ILE B 138 -19.27 9.36 7.60
N ASN B 139 -20.07 9.13 6.58
CA ASN B 139 -21.20 8.22 6.68
C ASN B 139 -21.21 7.29 5.47
N ASN B 140 -21.51 6.00 5.68
CA ASN B 140 -21.47 5.04 4.58
C ASN B 140 -22.81 4.34 4.36
N GLU B 141 -23.90 4.98 4.77
CA GLU B 141 -25.21 4.38 4.56
C GLU B 141 -25.58 4.43 3.09
N LEU B 142 -26.51 3.57 2.71
CA LEU B 142 -26.99 3.56 1.34
C LEU B 142 -28.45 3.98 1.31
N ASN B 143 -28.82 4.73 0.27
CA ASN B 143 -30.18 5.19 0.10
C ASN B 143 -30.55 5.30 -1.39
N GLU B 144 -31.71 5.88 -1.68
CA GLU B 144 -32.17 5.96 -3.07
C GLU B 144 -32.11 7.39 -3.60
N THR B 145 -31.32 8.24 -2.96
CA THR B 145 -31.16 9.63 -3.42
C THR B 145 -29.72 9.99 -3.69
N SER B 146 -28.83 9.00 -3.59
CA SER B 146 -27.41 9.18 -3.88
C SER B 146 -26.84 7.90 -4.48
N LEU B 147 -25.71 8.01 -5.16
CA LEU B 147 -25.08 6.88 -5.84
C LEU B 147 -23.89 6.33 -5.07
N PRO B 148 -23.72 5.00 -5.05
CA PRO B 148 -24.58 3.96 -5.61
C PRO B 148 -25.75 3.68 -4.69
N CYS B 149 -26.86 3.21 -5.24
CA CYS B 149 -28.08 3.11 -4.46
C CYS B 149 -28.17 1.85 -3.62
N GLY B 150 -28.89 1.98 -2.51
CA GLY B 150 -29.23 0.82 -1.70
C GLY B 150 -30.14 1.18 -0.56
N ALA B 151 -30.17 0.32 0.45
CA ALA B 151 -30.97 0.56 1.64
C ALA B 151 -30.12 0.38 2.89
N THR B 152 -30.67 0.80 4.02
CA THR B 152 -30.03 0.60 5.30
C THR B 152 -31.01 -0.11 6.21
N LYS B 153 -30.59 -1.26 6.74
CA LYS B 153 -31.43 -2.07 7.61
C LYS B 153 -31.05 -1.80 9.06
N ILE B 154 -32.05 -1.75 9.95
CA ILE B 154 -31.80 -1.60 11.37
C ILE B 154 -32.04 -2.92 12.12
N LEU B 155 -31.02 -3.40 12.76
CA LEU B 155 -31.02 -4.69 13.42
C LEU B 155 -31.38 -4.50 14.86
N ASN B 156 -30.79 -5.30 15.74
CA ASN B 156 -31.05 -5.23 17.16
C ASN B 156 -30.15 -4.22 17.84
N ASN B 157 -30.75 -3.37 18.66
CA ASN B 157 -30.04 -2.33 19.31
C ASN B 157 -29.63 -1.23 18.40
N GLY B 158 -30.43 -0.98 17.38
CA GLY B 158 -30.20 0.14 16.52
C GLY B 158 -28.99 -0.02 15.63
N ARG B 159 -28.47 -1.21 15.58
CA ARG B 159 -27.30 -1.48 14.76
C ARG B 159 -27.68 -1.43 13.28
N LYS B 160 -26.96 -0.63 12.51
CA LYS B 160 -27.25 -0.45 11.09
C LYS B 160 -26.48 -1.45 10.24
N LEU B 161 -27.12 -1.87 9.14
CA LEU B 161 -26.47 -2.75 8.20
C LEU B 161 -26.75 -2.25 6.79
N ALA B 162 -25.69 -2.14 5.99
CA ALA B 162 -25.86 -1.72 4.61
C ALA B 162 -26.48 -2.84 3.77
N LYS B 163 -27.46 -2.48 2.95
CA LYS B 163 -28.08 -3.44 2.04
C LYS B 163 -27.99 -2.92 0.60
N PRO B 164 -26.87 -3.21 -0.07
CA PRO B 164 -26.65 -2.68 -1.42
C PRO B 164 -27.67 -3.16 -2.45
N TYR B 165 -27.95 -2.32 -3.44
CA TYR B 165 -28.67 -2.79 -4.63
C TYR B 165 -27.66 -3.19 -5.70
N PHE B 166 -26.40 -3.31 -5.30
CA PHE B 166 -25.31 -3.58 -6.22
C PHE B 166 -24.46 -4.73 -5.71
N ASP B 167 -23.71 -5.36 -6.61
CA ASP B 167 -22.95 -6.58 -6.31
C ASP B 167 -21.48 -6.29 -6.00
N PHE B 168 -21.23 -5.36 -5.09
CA PHE B 168 -19.89 -5.23 -4.54
C PHE B 168 -20.00 -4.78 -3.10
N PHE B 169 -18.98 -5.15 -2.31
CA PHE B 169 -18.98 -4.91 -0.88
C PHE B 169 -18.98 -3.41 -0.61
N ASN B 170 -19.72 -2.99 0.41
CA ASN B 170 -19.81 -1.56 0.72
C ASN B 170 -18.58 -1.06 1.47
N TYR B 171 -17.42 -1.13 0.83
CA TYR B 171 -16.21 -0.58 1.41
C TYR B 171 -16.35 0.94 1.54
N SER B 172 -15.73 1.49 2.57
CA SER B 172 -15.84 2.92 2.79
C SER B 172 -14.70 3.45 3.65
N GLY B 173 -14.68 4.76 3.83
CA GLY B 173 -13.62 5.41 4.59
C GLY B 173 -12.85 6.40 3.75
N LEU B 174 -11.59 6.62 4.10
CA LEU B 174 -10.68 7.45 3.30
C LEU B 174 -9.80 6.53 2.46
N GLN B 175 -10.31 6.21 1.27
CA GLN B 175 -9.75 5.13 0.47
C GLN B 175 -8.70 5.60 -0.51
N ARG B 176 -8.49 6.91 -0.59
CA ARG B 176 -7.50 7.48 -1.50
C ARG B 176 -6.63 8.50 -0.79
N SER B 177 -5.57 8.91 -1.47
CA SER B 177 -4.61 9.82 -0.89
C SER B 177 -5.26 11.13 -0.49
N VAL B 178 -4.67 11.77 0.52
CA VAL B 178 -5.14 13.05 1.02
C VAL B 178 -3.96 14.01 1.03
N TRP B 179 -4.20 15.22 0.56
CA TRP B 179 -3.16 16.26 0.55
C TRP B 179 -3.66 17.52 1.22
N VAL B 180 -2.73 18.33 1.70
CA VAL B 180 -3.05 19.73 1.95
C VAL B 180 -2.19 20.50 0.93
N ILE B 181 -2.79 21.49 0.29
CA ILE B 181 -2.12 22.17 -0.80
C ILE B 181 -2.26 23.69 -0.67
N ALA B 182 -1.34 24.41 -1.31
CA ALA B 182 -1.39 25.85 -1.31
C ALA B 182 -1.32 26.35 -2.76
N LEU B 183 -2.29 27.16 -3.14
CA LEU B 183 -2.34 27.73 -4.48
C LEU B 183 -2.16 29.24 -4.44
N PRO B 184 -1.69 29.84 -5.55
CA PRO B 184 -1.64 31.31 -5.58
C PRO B 184 -3.05 31.91 -5.55
N GLU B 185 -3.17 33.17 -5.14
CA GLU B 185 -4.48 33.80 -4.99
C GLU B 185 -5.23 33.87 -6.33
N GLU B 186 -4.46 34.00 -7.41
CA GLU B 186 -5.03 33.87 -8.74
C GLU B 186 -4.43 32.63 -9.38
N SER B 187 -5.27 31.65 -9.73
CA SER B 187 -4.74 30.37 -10.16
C SER B 187 -5.51 29.77 -11.32
N VAL B 188 -4.87 28.81 -11.97
CA VAL B 188 -5.52 27.98 -12.96
C VAL B 188 -6.48 27.02 -12.28
N LYS B 189 -7.76 27.13 -12.59
CA LYS B 189 -8.78 26.34 -11.89
C LYS B 189 -9.20 25.12 -12.71
N ASP B 190 -9.19 25.28 -14.02
CA ASP B 190 -9.64 24.24 -14.94
C ASP B 190 -9.05 24.50 -16.31
N TYR B 191 -8.96 23.46 -17.11
CA TYR B 191 -8.66 23.64 -18.51
C TYR B 191 -9.21 22.45 -19.25
N SER B 192 -9.39 22.60 -20.56
CA SER B 192 -9.91 21.51 -21.38
C SER B 192 -9.14 21.49 -22.69
N VAL B 193 -8.84 20.30 -23.19
CA VAL B 193 -8.22 20.16 -24.49
C VAL B 193 -9.08 19.29 -25.40
N ASP B 194 -8.98 19.56 -26.70
CA ASP B 194 -9.69 18.79 -27.72
C ASP B 194 -8.76 18.75 -28.92
N TYR B 195 -8.82 17.67 -29.69
CA TYR B 195 -7.84 17.45 -30.75
C TYR B 195 -8.43 17.36 -32.16
N GLU B 196 -7.66 17.85 -33.13
CA GLU B 196 -7.99 17.61 -34.53
C GLU B 196 -6.73 17.16 -35.27
N LEU B 197 -6.87 16.15 -36.11
CA LEU B 197 -5.76 15.64 -36.87
C LEU B 197 -5.77 16.25 -38.26
N CYS B 198 -4.64 16.79 -38.68
CA CYS B 198 -4.52 17.45 -39.97
C CYS B 198 -3.33 16.91 -40.76
N GLY B 199 -3.51 15.75 -41.38
CA GLY B 199 -2.42 15.11 -42.08
C GLY B 199 -1.37 14.65 -41.10
N THR B 200 -0.15 15.17 -41.25
CA THR B 200 0.93 14.80 -40.35
C THR B 200 0.98 15.72 -39.13
N ASP B 201 0.15 16.77 -39.17
CA ASP B 201 0.11 17.74 -38.07
C ASP B 201 -1.14 17.55 -37.22
N ALA B 202 -1.19 18.25 -36.10
CA ALA B 202 -2.34 18.16 -35.21
C ALA B 202 -2.65 19.51 -34.60
N LEU B 203 -3.89 19.68 -34.18
CA LEU B 203 -4.32 20.88 -33.50
C LEU B 203 -4.76 20.52 -32.10
N VAL B 204 -4.30 21.30 -31.13
CA VAL B 204 -4.77 21.14 -29.78
C VAL B 204 -5.59 22.38 -29.44
N LYS B 205 -6.91 22.24 -29.49
CA LYS B 205 -7.81 23.31 -29.09
C LYS B 205 -7.91 23.31 -27.58
N TYR B 206 -7.88 24.48 -26.97
CA TYR B 206 -7.96 24.50 -25.51
C TYR B 206 -8.80 25.64 -24.96
N GLU B 207 -9.24 25.46 -23.73
CA GLU B 207 -9.87 26.53 -22.95
C GLU B 207 -9.26 26.49 -21.56
N VAL B 208 -9.00 27.66 -20.98
CA VAL B 208 -8.47 27.74 -19.61
C VAL B 208 -9.40 28.58 -18.75
N VAL B 209 -9.68 28.10 -17.55
CA VAL B 209 -10.44 28.87 -16.57
C VAL B 209 -9.54 29.22 -15.40
N THR B 210 -9.39 30.51 -15.13
CA THR B 210 -8.63 30.95 -13.97
C THR B 210 -9.53 31.67 -12.98
N THR B 211 -8.99 32.00 -11.81
CA THR B 211 -9.75 32.74 -10.81
C THR B 211 -9.44 34.23 -10.86
N GLY B 212 -8.87 34.70 -11.96
CA GLY B 212 -8.58 36.11 -12.13
C GLY B 212 -8.67 36.58 -13.57
N GLU B 213 -8.16 37.78 -13.82
CA GLU B 213 -8.28 38.37 -15.14
C GLU B 213 -6.93 38.60 -15.82
N HIS B 214 -5.86 38.14 -15.20
CA HIS B 214 -4.52 38.33 -15.77
C HIS B 214 -4.30 37.45 -17.00
N PRO B 215 -3.37 37.85 -17.88
CA PRO B 215 -3.10 37.15 -19.14
C PRO B 215 -2.64 35.71 -18.95
N VAL B 216 -3.01 34.86 -19.90
CA VAL B 216 -2.65 33.46 -19.88
C VAL B 216 -1.78 33.10 -21.09
N ILE B 217 -0.71 32.36 -20.84
CA ILE B 217 0.12 31.77 -21.89
C ILE B 217 0.05 30.27 -21.77
N VAL B 218 -0.06 29.59 -22.90
CA VAL B 218 -0.12 28.14 -22.90
C VAL B 218 0.98 27.61 -23.81
N ARG B 219 1.77 26.69 -23.27
CA ARG B 219 2.85 26.08 -24.03
C ARG B 219 2.62 24.57 -24.13
N LEU B 220 3.18 23.97 -25.17
CA LEU B 220 3.15 22.52 -25.29
C LEU B 220 4.59 22.04 -25.44
N LEU B 221 5.00 21.13 -24.57
CA LEU B 221 6.33 20.53 -24.64
C LEU B 221 6.19 19.09 -25.11
N ASP B 222 7.19 18.60 -25.84
CA ASP B 222 7.15 17.19 -26.22
C ASP B 222 7.72 16.34 -25.09
N ALA B 223 7.88 15.05 -25.33
CA ALA B 223 8.24 14.11 -24.28
C ALA B 223 9.64 14.35 -23.75
N GLU B 224 10.45 15.10 -24.50
CA GLU B 224 11.79 15.46 -24.08
C GLU B 224 11.84 16.85 -23.47
N GLY B 225 10.69 17.51 -23.38
CA GLY B 225 10.60 18.82 -22.76
C GLY B 225 10.84 19.99 -23.71
N GLU B 226 10.94 19.72 -24.99
CA GLU B 226 11.14 20.73 -25.99
C GLU B 226 9.86 21.45 -26.36
N LEU B 227 9.94 22.76 -26.55
CA LEU B 227 8.77 23.55 -26.92
C LEU B 227 8.34 23.27 -28.36
N VAL B 228 7.09 22.89 -28.55
CA VAL B 228 6.60 22.60 -29.90
C VAL B 228 5.48 23.56 -30.32
N ALA B 229 4.90 24.26 -29.36
CA ALA B 229 3.83 25.20 -29.64
C ALA B 229 3.62 26.14 -28.46
N GLU B 230 3.25 27.38 -28.75
CA GLU B 230 2.96 28.37 -27.72
C GLU B 230 1.91 29.37 -28.22
N THR B 231 0.95 29.68 -27.37
CA THR B 231 -0.13 30.59 -27.72
C THR B 231 -0.48 31.47 -26.52
N GLU B 232 -1.13 32.60 -26.77
CA GLU B 232 -1.58 33.48 -25.71
C GLU B 232 -3.11 33.49 -25.64
N GLY B 233 -3.63 33.57 -24.43
CA GLY B 233 -5.07 33.67 -24.23
C GLY B 233 -5.68 32.46 -23.55
N LYS B 234 -6.79 32.70 -22.86
CA LYS B 234 -7.51 31.65 -22.15
C LYS B 234 -8.18 30.65 -23.10
N GLU B 235 -8.33 31.03 -24.35
CA GLU B 235 -8.83 30.12 -25.36
C GLU B 235 -7.96 30.24 -26.60
N GLY B 236 -7.58 29.12 -27.18
CA GLY B 236 -6.72 29.16 -28.34
C GLY B 236 -6.49 27.81 -28.97
N ILE B 237 -5.58 27.79 -29.93
CA ILE B 237 -5.20 26.56 -30.61
C ILE B 237 -3.69 26.44 -30.64
N LEU B 238 -3.20 25.28 -30.21
CA LEU B 238 -1.79 24.95 -30.33
C LEU B 238 -1.57 24.13 -31.58
N GLN B 239 -0.74 24.64 -32.49
CA GLN B 239 -0.46 23.92 -33.73
C GLN B 239 0.78 23.06 -33.56
N VAL B 240 0.63 21.76 -33.80
CA VAL B 240 1.73 20.82 -33.59
C VAL B 240 2.19 20.18 -34.90
N ALA B 241 3.35 20.60 -35.38
CA ALA B 241 3.93 20.03 -36.60
C ALA B 241 4.44 18.62 -36.34
N ASN B 242 4.17 17.72 -37.30
CA ASN B 242 4.65 16.34 -37.21
C ASN B 242 4.32 15.70 -35.87
N ALA B 243 3.06 15.84 -35.47
CA ALA B 243 2.60 15.42 -34.15
C ALA B 243 2.81 13.93 -33.94
N ARG B 244 3.30 13.58 -32.76
CA ARG B 244 3.40 12.18 -32.38
C ARG B 244 2.14 11.80 -31.63
N LEU B 245 1.27 11.04 -32.30
CA LEU B 245 -0.03 10.74 -31.74
C LEU B 245 0.03 9.73 -30.61
N TRP B 246 -0.89 9.88 -29.66
CA TRP B 246 -1.12 8.89 -28.64
C TRP B 246 -1.86 7.71 -29.29
N GLU B 247 -1.26 6.52 -29.25
CA GLU B 247 -1.84 5.37 -29.95
C GLU B 247 -2.15 4.26 -28.98
N VAL B 248 -3.08 3.39 -29.36
CA VAL B 248 -3.47 2.29 -28.48
C VAL B 248 -2.26 1.40 -28.18
N ARG B 249 -1.99 1.20 -26.89
CA ARG B 249 -0.86 0.43 -26.39
C ARG B 249 0.47 0.95 -26.92
N ASN B 250 0.49 2.22 -27.29
CA ASN B 250 1.69 2.87 -27.79
C ASN B 250 1.55 4.36 -27.54
N ALA B 251 1.61 4.71 -26.26
CA ALA B 251 1.36 6.06 -25.83
C ALA B 251 2.49 7.00 -26.20
N TYR B 252 2.13 8.26 -26.41
CA TYR B 252 3.08 9.35 -26.45
C TYR B 252 2.41 10.51 -25.74
N LEU B 253 3.13 11.15 -24.84
CA LEU B 253 2.53 12.21 -24.04
C LEU B 253 3.31 13.51 -24.17
N TYR B 254 2.58 14.56 -24.54
CA TYR B 254 3.08 15.92 -24.50
C TYR B 254 2.82 16.48 -23.12
N GLN B 255 3.45 17.59 -22.79
CA GLN B 255 3.17 18.25 -21.54
C GLN B 255 2.56 19.62 -21.85
N ILE B 256 1.38 19.88 -21.32
CA ILE B 256 0.79 21.21 -21.48
C ILE B 256 1.23 22.03 -20.27
N VAL B 257 1.58 23.29 -20.53
CA VAL B 257 2.06 24.19 -19.49
C VAL B 257 1.22 25.45 -19.56
N ILE B 258 0.47 25.73 -18.51
CA ILE B 258 -0.42 26.89 -18.48
C ILE B 258 0.10 27.92 -17.48
N LEU B 259 0.35 29.11 -17.97
CA LEU B 259 0.94 30.17 -17.15
C LEU B 259 0.01 31.37 -17.04
N ILE B 260 -0.11 31.90 -15.81
CA ILE B 260 -0.74 33.20 -15.61
C ILE B 260 0.36 34.21 -15.36
N THR B 261 0.34 35.32 -16.08
CA THR B 261 1.38 36.33 -15.93
C THR B 261 0.82 37.68 -15.55
N ASP B 262 1.64 38.48 -14.95
CA ASP B 262 1.33 39.87 -14.79
C ASP B 262 2.58 40.63 -15.06
N GLY B 263 2.48 41.50 -16.04
CA GLY B 263 3.62 42.27 -16.46
C GLY B 263 4.81 41.41 -16.76
N ASN B 264 5.77 41.43 -15.87
CA ASN B 264 7.02 40.75 -16.04
C ASN B 264 7.09 39.34 -15.52
N GLY B 265 6.28 39.04 -14.51
CA GLY B 265 6.37 37.89 -13.64
C GLY B 265 5.25 36.89 -13.83
N VAL B 266 5.47 35.69 -13.30
CA VAL B 266 4.48 34.63 -13.39
C VAL B 266 3.72 34.53 -12.07
N LEU B 267 2.39 34.41 -12.17
CA LEU B 267 1.54 34.28 -10.98
C LEU B 267 1.25 32.83 -10.63
N ASP B 268 1.15 31.98 -11.65
CA ASP B 268 0.83 30.57 -11.46
C ASP B 268 1.31 29.79 -12.67
N GLU B 269 1.54 28.50 -12.45
CA GLU B 269 1.90 27.61 -13.53
C GLU B 269 1.29 26.26 -13.23
N TYR B 270 0.55 25.72 -14.18
CA TYR B 270 0.05 24.34 -14.08
C TYR B 270 0.60 23.51 -15.25
N ARG B 271 1.01 22.28 -14.96
CA ARG B 271 1.55 21.37 -15.97
C ARG B 271 0.86 20.01 -15.85
N GLU B 272 0.62 19.37 -16.98
CA GLU B 272 -0.01 18.05 -17.00
C GLU B 272 0.33 17.36 -18.30
N LYS B 273 0.51 16.05 -18.25
CA LYS B 273 0.74 15.29 -19.48
C LYS B 273 -0.59 15.01 -20.19
N ILE B 274 -0.62 15.22 -21.50
CA ILE B 274 -1.79 14.94 -22.31
C ILE B 274 -1.36 14.18 -23.56
N GLY B 275 -2.31 13.55 -24.24
CA GLY B 275 -1.99 12.77 -25.42
C GLY B 275 -2.86 13.17 -26.58
N ILE B 276 -2.24 13.38 -27.74
CA ILE B 276 -2.99 13.82 -28.92
C ILE B 276 -3.63 12.62 -29.58
N ARG B 277 -4.94 12.57 -29.53
CA ARG B 277 -5.72 11.49 -30.06
C ARG B 277 -7.18 11.88 -30.30
N THR B 278 -7.81 11.26 -31.29
CA THR B 278 -9.23 11.47 -31.53
C THR B 278 -9.98 10.16 -31.36
N VAL B 279 -11.19 10.23 -30.85
CA VAL B 279 -12.06 9.06 -30.79
C VAL B 279 -13.39 9.46 -31.44
N ARG B 280 -13.85 8.64 -32.37
CA ARG B 280 -15.07 8.92 -33.09
C ARG B 280 -15.84 7.64 -33.32
N ILE B 281 -17.15 7.75 -33.36
CA ILE B 281 -17.98 6.64 -33.80
C ILE B 281 -18.42 6.90 -35.22
N GLU B 282 -18.15 5.95 -36.10
CA GLU B 282 -18.54 6.04 -37.50
C GLU B 282 -19.29 4.76 -37.87
N GLY B 283 -20.61 4.86 -38.05
CA GLY B 283 -21.41 3.67 -38.23
C GLY B 283 -21.25 2.73 -37.06
N THR B 284 -20.91 1.47 -37.34
CA THR B 284 -20.74 0.48 -36.28
C THR B 284 -19.29 0.36 -35.82
N LYS B 285 -18.45 1.31 -36.23
CA LYS B 285 -17.04 1.24 -35.89
C LYS B 285 -16.67 2.29 -34.85
N ILE B 286 -15.73 1.93 -33.96
CA ILE B 286 -15.09 2.88 -33.08
C ILE B 286 -13.76 3.24 -33.67
N LEU B 287 -13.52 4.52 -33.91
CA LEU B 287 -12.27 4.96 -34.53
C LEU B 287 -11.37 5.69 -33.55
N LEU B 288 -10.12 5.25 -33.49
CA LEU B 288 -9.10 5.92 -32.70
C LEU B 288 -8.08 6.45 -33.68
N ASN B 289 -7.90 7.76 -33.72
CA ASN B 289 -7.04 8.40 -34.71
C ASN B 289 -7.38 7.95 -36.14
N ASP B 290 -8.68 7.88 -36.42
CA ASP B 290 -9.22 7.56 -37.73
C ASP B 290 -9.05 6.11 -38.16
N ARG B 291 -8.65 5.24 -37.23
CA ARG B 291 -8.53 3.82 -37.52
C ARG B 291 -9.43 3.01 -36.59
N PRO B 292 -10.13 2.01 -37.15
CA PRO B 292 -10.98 1.17 -36.31
C PRO B 292 -10.20 0.48 -35.20
N VAL B 293 -10.81 0.44 -34.03
CA VAL B 293 -10.27 -0.29 -32.90
C VAL B 293 -11.38 -1.16 -32.34
N TYR B 294 -11.00 -2.39 -31.97
CA TYR B 294 -11.90 -3.34 -31.35
C TYR B 294 -11.50 -3.41 -29.87
N LEU B 295 -12.42 -3.10 -28.97
CA LEU B 295 -12.08 -3.07 -27.55
C LEU B 295 -11.90 -4.47 -27.00
N LYS B 296 -10.80 -4.65 -26.27
CA LYS B 296 -10.46 -5.93 -25.69
C LYS B 296 -10.04 -5.71 -24.25
N GLY B 297 -10.76 -6.27 -23.31
CA GLY B 297 -10.35 -6.11 -21.92
C GLY B 297 -11.37 -6.56 -20.91
N PHE B 298 -11.50 -5.79 -19.86
CA PHE B 298 -12.24 -6.20 -18.67
C PHE B 298 -12.97 -5.07 -18.00
N GLY B 299 -14.04 -5.42 -17.30
CA GLY B 299 -14.48 -4.58 -16.20
C GLY B 299 -13.57 -4.91 -15.03
N LYS B 300 -13.21 -3.90 -14.25
CA LYS B 300 -12.34 -4.09 -13.09
C LYS B 300 -13.11 -3.69 -11.83
N HIS B 301 -12.40 -3.63 -10.71
CA HIS B 301 -12.89 -3.01 -9.48
C HIS B 301 -11.67 -2.42 -8.82
N GLU B 302 -11.88 -1.46 -7.93
CA GLU B 302 -10.81 -1.12 -7.00
C GLU B 302 -10.99 -2.04 -5.82
N ASP B 303 -10.21 -3.11 -5.80
CA ASP B 303 -10.43 -4.17 -4.83
C ASP B 303 -9.14 -4.98 -4.69
N PHE B 304 -8.73 -5.22 -3.45
CA PHE B 304 -7.50 -5.94 -3.18
C PHE B 304 -7.56 -6.44 -1.75
N PRO B 305 -6.91 -7.59 -1.46
CA PRO B 305 -6.96 -8.10 -0.08
C PRO B 305 -6.51 -7.08 0.96
N ILE B 306 -7.25 -7.05 2.07
CA ILE B 306 -7.03 -6.21 3.25
C ILE B 306 -7.26 -4.71 3.00
N LEU B 307 -6.71 -4.17 1.92
CA LEU B 307 -6.86 -2.74 1.65
C LEU B 307 -8.27 -2.34 1.18
N GLY B 308 -9.07 -3.32 0.74
CA GLY B 308 -10.38 -3.00 0.19
C GLY B 308 -10.23 -2.24 -1.11
N ARG B 309 -10.82 -1.04 -1.16
CA ARG B 309 -10.66 -0.17 -2.33
C ARG B 309 -9.50 0.80 -2.15
N GLY B 310 -8.70 0.58 -1.12
CA GLY B 310 -7.61 1.50 -0.85
C GLY B 310 -6.63 1.59 -1.99
N PHE B 311 -6.23 2.81 -2.33
CA PHE B 311 -5.31 2.98 -3.43
C PHE B 311 -3.88 2.58 -3.08
N HIS B 312 -3.21 1.93 -4.02
CA HIS B 312 -1.79 1.58 -3.88
C HIS B 312 -1.16 1.37 -5.25
N TRP B 313 -0.12 2.14 -5.56
CA TRP B 313 0.51 2.03 -6.88
C TRP B 313 0.90 0.60 -7.23
N GLY B 314 1.15 -0.23 -6.24
CA GLY B 314 1.55 -1.61 -6.49
C GLY B 314 0.41 -2.39 -7.14
N ILE B 315 -0.82 -2.07 -6.75
CA ILE B 315 -1.97 -2.73 -7.36
C ILE B 315 -2.10 -2.30 -8.81
N VAL B 316 -1.90 -1.01 -9.07
CA VAL B 316 -1.89 -0.51 -10.44
C VAL B 316 -0.83 -1.22 -11.28
N LYS B 317 0.39 -1.32 -10.77
CA LYS B 317 1.47 -1.93 -11.53
C LYS B 317 1.18 -3.39 -11.87
N ARG B 318 0.78 -4.18 -10.87
CA ARG B 318 0.49 -5.58 -11.13
C ARG B 318 -0.67 -5.73 -12.11
N ASP B 319 -1.74 -4.96 -11.91
CA ASP B 319 -2.89 -5.10 -12.78
C ASP B 319 -2.54 -4.75 -14.22
N PHE B 320 -1.76 -3.70 -14.44
CA PHE B 320 -1.38 -3.36 -15.80
C PHE B 320 -0.44 -4.38 -16.42
N GLU B 321 0.46 -4.97 -15.64
CA GLU B 321 1.30 -6.02 -16.19
C GLU B 321 0.43 -7.22 -16.60
N CYS B 322 -0.56 -7.56 -15.79
CA CYS B 322 -1.48 -8.64 -16.14
C CYS B 322 -2.31 -8.29 -17.38
N LEU B 323 -2.83 -7.07 -17.43
CA LEU B 323 -3.60 -6.64 -18.59
C LEU B 323 -2.79 -6.74 -19.88
N LYS B 324 -1.55 -6.26 -19.83
CA LYS B 324 -0.69 -6.34 -21.00
C LYS B 324 -0.42 -7.79 -21.42
N TRP B 325 -0.26 -8.66 -20.42
CA TRP B 325 0.03 -10.07 -20.68
C TRP B 325 -1.16 -10.73 -21.40
N THR B 326 -2.38 -10.29 -21.11
CA THR B 326 -3.55 -10.82 -21.81
C THR B 326 -3.73 -10.22 -23.21
N ASN B 327 -2.96 -9.18 -23.55
CA ASN B 327 -3.08 -8.44 -24.82
C ASN B 327 -4.34 -7.59 -24.90
N ALA B 328 -4.84 -7.20 -23.72
CA ALA B 328 -5.96 -6.28 -23.62
C ALA B 328 -5.58 -4.88 -24.06
N ASN B 329 -6.58 -4.08 -24.43
CA ASN B 329 -6.33 -2.68 -24.73
C ASN B 329 -7.26 -1.72 -23.99
N CYS B 330 -8.15 -2.27 -23.17
CA CYS B 330 -9.22 -1.46 -22.62
C CYS B 330 -9.72 -1.95 -21.27
N PHE B 331 -10.12 -1.04 -20.38
CA PHE B 331 -10.97 -1.47 -19.28
C PHE B 331 -12.02 -0.42 -18.94
N ARG B 332 -13.08 -0.89 -18.30
CA ARG B 332 -14.16 -0.03 -17.81
C ARG B 332 -13.98 0.14 -16.30
N THR B 333 -14.15 1.36 -15.80
CA THR B 333 -14.03 1.61 -14.36
C THR B 333 -15.35 1.24 -13.68
N SER B 334 -15.72 -0.02 -13.81
CA SER B 334 -16.90 -0.53 -13.11
C SER B 334 -16.66 -0.45 -11.59
N HIS B 335 -17.60 0.07 -10.80
CA HIS B 335 -18.77 0.79 -11.24
C HIS B 335 -18.74 2.17 -10.60
N TYR B 336 -17.62 2.86 -10.75
CA TYR B 336 -17.41 4.17 -10.11
C TYR B 336 -16.10 4.71 -10.65
N PRO B 337 -15.92 6.04 -10.64
CA PRO B 337 -14.62 6.56 -11.06
C PRO B 337 -13.53 6.02 -10.14
N TYR B 338 -12.37 5.68 -10.69
CA TYR B 338 -11.28 5.16 -9.88
C TYR B 338 -10.39 6.28 -9.40
N ALA B 339 -9.44 5.95 -8.53
CA ALA B 339 -8.41 6.92 -8.18
C ALA B 339 -7.75 7.50 -9.43
N GLU B 340 -7.44 8.79 -9.39
CA GLU B 340 -6.90 9.49 -10.56
C GLU B 340 -5.65 8.82 -11.10
N GLU B 341 -4.87 8.24 -10.19
CA GLU B 341 -3.63 7.58 -10.57
C GLU B 341 -3.82 6.46 -11.62
N TRP B 342 -4.97 5.78 -11.61
CA TRP B 342 -5.25 4.72 -12.59
C TRP B 342 -5.24 5.28 -14.02
N TYR B 343 -5.81 6.47 -14.17
CA TYR B 343 -5.92 7.09 -15.48
C TYR B 343 -4.58 7.65 -15.93
N GLN B 344 -3.81 8.20 -14.98
CA GLN B 344 -2.45 8.64 -15.28
C GLN B 344 -1.64 7.49 -15.84
N PHE B 345 -1.81 6.31 -15.26
CA PHE B 345 -1.02 5.17 -15.69
C PHE B 345 -1.53 4.66 -17.03
N ALA B 346 -2.85 4.61 -17.19
CA ALA B 346 -3.42 4.20 -18.49
C ALA B 346 -2.90 5.11 -19.61
N ASP B 347 -2.78 6.40 -19.31
CA ASP B 347 -2.24 7.36 -20.27
C ASP B 347 -0.83 6.96 -20.70
N GLU B 348 -0.03 6.51 -19.74
CA GLU B 348 1.35 6.13 -20.03
C GLU B 348 1.44 4.80 -20.77
N GLU B 349 0.52 3.90 -20.48
CA GLU B 349 0.56 2.55 -21.06
C GLU B 349 -0.29 2.43 -22.33
N GLY B 350 -0.95 3.50 -22.72
CA GLY B 350 -1.77 3.45 -23.92
C GLY B 350 -3.02 2.61 -23.81
N PHE B 351 -3.59 2.50 -22.61
CA PHE B 351 -4.86 1.80 -22.45
C PHE B 351 -6.06 2.71 -22.67
N LEU B 352 -7.14 2.14 -23.20
CA LEU B 352 -8.39 2.86 -23.40
C LEU B 352 -9.29 2.64 -22.19
N ILE B 353 -9.95 3.71 -21.75
CA ILE B 353 -10.81 3.63 -20.57
C ILE B 353 -12.24 4.09 -20.86
N ILE B 354 -13.20 3.28 -20.42
CA ILE B 354 -14.60 3.71 -20.33
C ILE B 354 -14.80 4.12 -18.89
N ASP B 355 -15.00 5.40 -18.66
CA ASP B 355 -15.09 5.99 -17.33
C ASP B 355 -16.54 5.98 -16.87
N GLU B 356 -16.80 5.34 -15.72
CA GLU B 356 -18.17 5.06 -15.30
C GLU B 356 -18.54 5.76 -13.99
N VAL B 357 -19.68 6.44 -14.04
CA VAL B 357 -20.27 7.09 -12.88
C VAL B 357 -20.96 6.02 -12.02
N PRO B 358 -21.09 6.24 -10.69
CA PRO B 358 -21.59 5.11 -9.88
C PRO B 358 -23.10 4.88 -9.95
N ALA B 359 -23.69 5.03 -11.12
CA ALA B 359 -25.14 4.89 -11.26
C ALA B 359 -25.55 3.42 -11.38
N VAL B 360 -25.38 2.71 -10.28
CA VAL B 360 -25.68 1.28 -10.22
C VAL B 360 -26.74 1.04 -9.16
N GLY B 361 -27.60 0.07 -9.40
CA GLY B 361 -28.64 -0.29 -8.45
C GLY B 361 -29.89 0.56 -8.60
N MET B 362 -30.28 0.81 -9.85
CA MET B 362 -31.47 1.61 -10.12
C MET B 362 -32.58 0.75 -10.72
N MET B 363 -32.99 -0.31 -10.07
CA MET B 363 -33.98 -1.17 -10.68
C MET B 363 -34.40 -2.12 -9.61
N PHE B 380 -38.81 1.91 -10.28
CA PHE B 380 -37.77 2.60 -9.52
C PHE B 380 -37.79 4.10 -9.80
N PHE B 381 -38.05 4.46 -11.04
CA PHE B 381 -37.96 5.86 -11.46
C PHE B 381 -39.29 6.60 -11.34
N GLU B 382 -40.18 6.07 -10.49
CA GLU B 382 -41.48 6.69 -10.27
C GLU B 382 -41.56 7.24 -8.83
N ALA B 383 -40.56 6.90 -8.01
CA ALA B 383 -40.51 7.37 -6.63
C ALA B 383 -40.36 8.88 -6.54
N LEU B 384 -40.88 9.45 -5.44
CA LEU B 384 -40.80 10.89 -5.22
C LEU B 384 -39.37 11.34 -4.90
N THR B 385 -38.50 10.36 -4.68
CA THR B 385 -37.09 10.63 -4.38
C THR B 385 -36.25 10.78 -5.65
N VAL B 386 -36.86 10.48 -6.81
CA VAL B 386 -36.13 10.46 -8.07
C VAL B 386 -35.55 11.83 -8.48
N PRO B 387 -36.28 12.95 -8.27
CA PRO B 387 -35.64 14.23 -8.57
C PRO B 387 -34.34 14.44 -7.77
N GLU B 388 -34.31 14.05 -6.51
CA GLU B 388 -33.10 14.17 -5.71
C GLU B 388 -32.00 13.25 -6.25
N LEU B 389 -32.38 12.02 -6.62
CA LEU B 389 -31.43 11.08 -7.21
C LEU B 389 -30.80 11.64 -8.48
N LEU B 390 -31.65 12.23 -9.32
CA LEU B 390 -31.19 12.82 -10.57
C LEU B 390 -30.16 13.90 -10.32
N LYS B 391 -30.42 14.76 -9.35
CA LYS B 391 -29.48 15.81 -9.00
C LYS B 391 -28.14 15.23 -8.59
N SER B 392 -28.17 14.17 -7.79
CA SER B 392 -26.94 13.49 -7.37
C SER B 392 -26.18 12.91 -8.55
N HIS B 393 -26.94 12.28 -9.44
CA HIS B 393 -26.39 11.57 -10.60
C HIS B 393 -25.69 12.59 -11.52
N ILE B 394 -26.36 13.70 -11.76
CA ILE B 394 -25.81 14.75 -12.60
C ILE B 394 -24.58 15.38 -11.96
N ALA B 395 -24.62 15.59 -10.64
CA ALA B 395 -23.48 16.13 -9.90
C ALA B 395 -22.25 15.24 -10.05
N ASP B 396 -22.43 13.94 -9.86
CA ASP B 396 -21.33 12.99 -9.98
C ASP B 396 -20.78 12.99 -11.40
N THR B 397 -21.68 13.10 -12.37
CA THR B 397 -21.29 13.13 -13.78
C THR B 397 -20.45 14.38 -14.09
N GLU B 398 -20.88 15.53 -13.57
CA GLU B 398 -20.12 16.77 -13.72
C GLU B 398 -18.72 16.64 -13.11
N GLU B 399 -18.66 16.11 -11.90
CA GLU B 399 -17.38 15.96 -11.22
C GLU B 399 -16.47 14.99 -11.96
N MET B 400 -17.01 13.85 -12.40
CA MET B 400 -16.20 12.86 -13.11
C MET B 400 -15.62 13.43 -14.39
N ILE B 401 -16.47 14.09 -15.18
CA ILE B 401 -16.04 14.55 -16.47
C ILE B 401 -15.05 15.69 -16.33
N THR B 402 -15.33 16.61 -15.40
CA THR B 402 -14.40 17.69 -15.13
C THR B 402 -13.04 17.14 -14.65
N ARG B 403 -13.05 16.08 -13.85
CA ARG B 403 -11.80 15.52 -13.37
C ARG B 403 -11.01 14.80 -14.46
N ASP B 404 -11.69 14.03 -15.31
CA ASP B 404 -11.01 13.04 -16.15
C ASP B 404 -10.93 13.37 -17.64
N LYS B 405 -11.54 14.48 -18.06
CA LYS B 405 -11.67 14.82 -19.48
C LYS B 405 -10.34 14.93 -20.24
N ASN B 406 -9.26 15.31 -19.55
CA ASN B 406 -8.01 15.58 -20.26
C ASN B 406 -7.08 14.38 -20.32
N HIS B 407 -7.50 13.24 -19.77
CA HIS B 407 -6.76 11.99 -19.96
C HIS B 407 -6.97 11.49 -21.37
N PRO B 408 -5.88 11.24 -22.12
CA PRO B 408 -6.07 10.64 -23.45
C PRO B 408 -6.67 9.22 -23.36
N SER B 409 -6.42 8.52 -22.26
CA SER B 409 -6.95 7.18 -22.11
C SER B 409 -8.49 7.15 -22.06
N VAL B 410 -9.11 8.21 -21.57
CA VAL B 410 -10.56 8.18 -21.41
C VAL B 410 -11.22 8.45 -22.74
N ILE B 411 -11.86 7.42 -23.29
CA ILE B 411 -12.44 7.54 -24.62
C ILE B 411 -13.96 7.44 -24.62
N ALA B 412 -14.55 7.22 -23.46
CA ALA B 412 -16.00 7.12 -23.36
C ALA B 412 -16.46 7.29 -21.93
N TRP B 413 -17.70 7.75 -21.77
CA TRP B 413 -18.32 7.87 -20.47
C TRP B 413 -19.45 6.85 -20.35
N SER B 414 -19.44 6.08 -19.27
CA SER B 414 -20.58 5.21 -18.98
C SER B 414 -21.43 5.87 -17.89
N LEU B 415 -22.69 6.14 -18.21
CA LEU B 415 -23.51 6.97 -17.35
C LEU B 415 -24.51 6.14 -16.52
N PHE B 416 -24.43 4.82 -16.65
CA PHE B 416 -25.24 3.91 -15.85
C PHE B 416 -24.81 2.44 -16.01
N ASN B 417 -25.16 1.61 -15.04
CA ASN B 417 -24.98 0.17 -15.16
C ASN B 417 -26.27 -0.53 -14.73
N GLU B 418 -26.95 -1.14 -15.70
CA GLU B 418 -28.16 -1.94 -15.47
C GLU B 418 -29.30 -1.24 -14.72
N PRO B 419 -29.71 -0.06 -15.20
CA PRO B 419 -30.95 0.52 -14.64
C PRO B 419 -32.17 -0.03 -15.35
N GLU B 420 -33.34 0.33 -14.82
CA GLU B 420 -34.59 0.12 -15.55
C GLU B 420 -34.61 1.10 -16.72
N THR B 421 -34.95 0.63 -17.92
CA THR B 421 -34.89 1.49 -19.11
C THR B 421 -36.13 1.42 -19.99
N ILE B 422 -37.14 0.68 -19.57
CA ILE B 422 -38.24 0.38 -20.48
C ILE B 422 -39.51 1.19 -20.19
N THR B 423 -39.41 2.16 -19.28
CA THR B 423 -40.54 3.07 -19.03
C THR B 423 -40.19 4.50 -19.45
N ASP B 424 -41.21 5.32 -19.67
CA ASP B 424 -41.00 6.71 -20.06
C ASP B 424 -40.46 7.51 -18.90
N TYR B 425 -40.72 7.02 -17.68
CA TYR B 425 -40.09 7.56 -16.49
C TYR B 425 -38.57 7.51 -16.65
N ALA B 426 -38.06 6.35 -17.03
CA ALA B 426 -36.64 6.16 -17.19
C ALA B 426 -36.08 7.02 -18.32
N TYR B 427 -36.82 7.14 -19.41
CA TYR B 427 -36.33 7.91 -20.56
C TYR B 427 -36.13 9.39 -20.24
N GLU B 428 -37.09 10.01 -19.58
CA GLU B 428 -36.97 11.44 -19.25
C GLU B 428 -35.82 11.67 -18.25
N TYR B 429 -35.63 10.70 -17.36
CA TYR B 429 -34.54 10.75 -16.39
C TYR B 429 -33.20 10.76 -17.11
N PHE B 430 -32.98 9.77 -17.96
CA PHE B 430 -31.67 9.65 -18.60
C PHE B 430 -31.44 10.72 -19.65
N LYS B 431 -32.52 11.26 -20.22
CA LYS B 431 -32.38 12.38 -21.14
C LYS B 431 -31.67 13.54 -20.45
N GLU B 432 -32.02 13.78 -19.19
CA GLU B 432 -31.41 14.87 -18.42
C GLU B 432 -29.94 14.60 -18.11
N VAL B 433 -29.62 13.36 -17.76
CA VAL B 433 -28.24 12.97 -17.47
C VAL B 433 -27.34 13.14 -18.69
N PHE B 434 -27.80 12.65 -19.83
CA PHE B 434 -27.00 12.73 -21.05
C PHE B 434 -26.83 14.19 -21.51
N ALA B 435 -27.90 14.97 -21.38
CA ALA B 435 -27.84 16.39 -21.73
C ALA B 435 -26.79 17.12 -20.89
N ALA B 436 -26.80 16.84 -19.58
CA ALA B 436 -25.83 17.43 -18.68
C ALA B 436 -24.40 17.00 -19.01
N ALA B 437 -24.21 15.71 -19.28
CA ALA B 437 -22.89 15.17 -19.59
C ALA B 437 -22.31 15.84 -20.82
N GLU B 438 -23.17 16.08 -21.81
CA GLU B 438 -22.72 16.70 -23.05
C GLU B 438 -22.18 18.12 -22.81
N THR B 439 -22.76 18.83 -21.85
CA THR B 439 -22.32 20.19 -21.59
C THR B 439 -20.98 20.23 -20.86
N TYR B 440 -20.62 19.14 -20.17
CA TYR B 440 -19.41 19.11 -19.37
C TYR B 440 -18.18 18.65 -20.15
N ASP B 441 -18.38 17.88 -21.20
CA ASP B 441 -17.24 17.31 -21.93
C ASP B 441 -16.88 18.14 -23.15
N PHE B 442 -15.78 18.87 -23.02
CA PHE B 442 -15.23 19.70 -24.08
C PHE B 442 -14.97 18.94 -25.39
N GLN B 443 -14.71 17.64 -25.26
CA GLN B 443 -14.43 16.78 -26.42
C GLN B 443 -15.68 16.12 -27.00
N SER B 444 -16.78 16.12 -26.25
CA SER B 444 -18.01 15.44 -26.64
C SER B 444 -17.75 14.00 -27.07
N ARG B 445 -16.96 13.28 -26.27
CA ARG B 445 -16.58 11.91 -26.63
C ARG B 445 -17.75 10.97 -26.34
N PRO B 446 -17.68 9.72 -26.85
CA PRO B 446 -18.85 8.84 -26.78
C PRO B 446 -19.43 8.64 -25.39
N MET B 447 -20.75 8.68 -25.27
CA MET B 447 -21.42 8.40 -24.01
C MET B 447 -22.30 7.16 -24.20
N THR B 448 -22.36 6.36 -23.15
CA THR B 448 -23.02 5.07 -23.23
C THR B 448 -23.53 4.69 -21.85
N GLY B 449 -23.99 3.46 -21.71
CA GLY B 449 -24.25 2.90 -20.40
C GLY B 449 -24.43 1.42 -20.58
N ALA B 450 -24.31 0.65 -19.50
CA ALA B 450 -24.38 -0.80 -19.61
C ALA B 450 -25.81 -1.28 -19.34
N PHE B 451 -26.36 -2.02 -20.30
CA PHE B 451 -27.73 -2.51 -20.24
C PHE B 451 -27.81 -3.95 -19.74
N GLU B 452 -28.73 -4.18 -18.82
CA GLU B 452 -29.01 -5.53 -18.34
C GLU B 452 -30.01 -6.20 -19.28
N LYS B 453 -30.20 -7.50 -19.12
CA LYS B 453 -31.05 -8.24 -20.02
C LYS B 453 -32.49 -7.77 -20.01
N ASN B 454 -32.93 -7.25 -18.89
CA ASN B 454 -34.30 -6.74 -18.78
C ASN B 454 -34.60 -5.67 -19.82
N SER B 455 -33.55 -4.98 -20.26
CA SER B 455 -33.69 -3.98 -21.31
C SER B 455 -33.81 -4.66 -22.68
N LYS B 456 -34.92 -5.38 -22.88
CA LYS B 456 -35.16 -6.10 -24.12
C LYS B 456 -35.21 -5.15 -25.32
N PRO B 457 -34.68 -5.60 -26.47
CA PRO B 457 -34.68 -4.82 -27.71
C PRO B 457 -36.04 -4.22 -28.08
N GLU B 458 -37.11 -4.91 -27.80
CA GLU B 458 -38.44 -4.41 -28.14
C GLU B 458 -39.02 -3.49 -27.11
N LEU B 459 -38.41 -3.44 -25.94
CA LEU B 459 -38.96 -2.67 -24.82
C LEU B 459 -38.11 -1.45 -24.44
N CYS B 460 -36.79 -1.59 -24.52
CA CYS B 460 -35.89 -0.53 -24.05
C CYS B 460 -36.12 0.80 -24.77
N LYS B 461 -36.21 1.88 -24.00
CA LYS B 461 -36.43 3.21 -24.54
C LYS B 461 -35.18 4.09 -24.47
N CYS B 462 -34.10 3.55 -23.91
CA CYS B 462 -32.96 4.41 -23.60
C CYS B 462 -31.74 4.22 -24.50
N TYR B 463 -31.66 3.11 -25.22
CA TYR B 463 -30.53 2.89 -26.12
C TYR B 463 -30.35 3.98 -27.20
N PRO B 464 -31.44 4.66 -27.64
CA PRO B 464 -31.15 5.72 -28.61
C PRO B 464 -30.32 6.89 -28.09
N LEU B 465 -30.22 7.04 -26.77
CA LEU B 465 -29.44 8.14 -26.19
C LEU B 465 -27.94 7.90 -26.34
N CYS B 466 -27.56 6.65 -26.60
CA CYS B 466 -26.16 6.23 -26.52
C CYS B 466 -25.41 6.36 -27.84
N ASP B 467 -24.13 6.74 -27.79
CA ASP B 467 -23.32 6.77 -28.99
C ASP B 467 -22.95 5.36 -29.45
N PHE B 468 -22.81 4.46 -28.48
CA PHE B 468 -22.70 3.05 -28.78
C PHE B 468 -23.36 2.30 -27.64
N ILE B 469 -23.72 1.05 -27.89
CA ILE B 469 -24.55 0.29 -26.94
C ILE B 469 -23.68 -0.73 -26.19
N CYS B 470 -23.76 -0.71 -24.87
CA CYS B 470 -23.05 -1.69 -24.04
C CYS B 470 -24.02 -2.71 -23.45
N LEU B 471 -23.75 -3.98 -23.70
CA LEU B 471 -24.60 -5.05 -23.18
C LEU B 471 -23.88 -5.90 -22.13
N ASN B 472 -24.58 -6.15 -21.03
CA ASN B 472 -24.13 -7.11 -20.03
C ASN B 472 -24.98 -8.37 -20.21
N ARG B 473 -24.35 -9.47 -20.62
CA ARG B 473 -25.13 -10.67 -20.89
C ARG B 473 -24.46 -11.91 -20.32
N TYR B 474 -25.29 -12.80 -19.81
CA TYR B 474 -24.82 -13.99 -19.13
C TYR B 474 -25.55 -15.23 -19.63
N TYR B 475 -25.67 -15.31 -20.95
CA TYR B 475 -26.14 -16.54 -21.58
C TYR B 475 -25.14 -17.64 -21.31
N GLY B 476 -25.53 -18.64 -20.54
CA GLY B 476 -24.60 -19.68 -20.14
C GLY B 476 -24.19 -19.60 -18.68
N TRP B 477 -24.69 -18.58 -17.98
CA TRP B 477 -24.47 -18.54 -16.55
C TRP B 477 -25.80 -18.35 -15.85
N TYR B 478 -26.33 -17.14 -15.86
CA TYR B 478 -27.61 -16.89 -15.23
C TYR B 478 -28.78 -17.39 -16.07
N ILE B 479 -28.56 -17.52 -17.38
CA ILE B 479 -29.58 -18.00 -18.29
C ILE B 479 -29.10 -19.29 -18.96
N SER B 480 -29.81 -20.38 -18.73
CA SER B 480 -29.51 -21.65 -19.38
C SER B 480 -28.05 -22.06 -19.21
N GLY B 481 -27.58 -22.07 -17.97
CA GLY B 481 -26.22 -22.53 -17.69
C GLY B 481 -26.05 -24.04 -17.72
N GLY B 482 -24.79 -24.50 -17.74
CA GLY B 482 -24.49 -25.90 -17.55
C GLY B 482 -24.98 -26.81 -18.66
N PRO B 483 -25.82 -27.80 -18.32
CA PRO B 483 -26.33 -28.73 -19.34
C PRO B 483 -27.15 -28.03 -20.43
N GLU B 484 -27.59 -26.80 -20.17
CA GLU B 484 -28.42 -26.06 -21.12
C GLU B 484 -27.63 -25.05 -21.97
N ILE B 485 -26.30 -25.15 -21.95
CA ILE B 485 -25.46 -24.13 -22.59
C ILE B 485 -25.71 -24.04 -24.11
N GLU B 486 -26.13 -25.14 -24.74
CA GLU B 486 -26.43 -25.05 -26.17
C GLU B 486 -27.75 -24.29 -26.40
N GLU B 487 -28.69 -24.42 -25.48
CA GLU B 487 -29.89 -23.59 -25.50
C GLU B 487 -29.52 -22.13 -25.23
N ALA B 488 -28.56 -21.92 -24.33
CA ALA B 488 -28.08 -20.57 -24.02
C ALA B 488 -27.54 -19.88 -25.28
N GLU B 489 -26.76 -20.61 -26.06
CA GLU B 489 -26.21 -20.04 -27.30
C GLU B 489 -27.34 -19.65 -28.27
N GLU B 490 -28.35 -20.52 -28.37
CA GLU B 490 -29.47 -20.26 -29.26
C GLU B 490 -30.25 -19.03 -28.80
N LEU B 491 -30.42 -18.88 -27.48
CA LEU B 491 -31.14 -17.72 -26.95
C LEU B 491 -30.35 -16.44 -27.18
N PHE B 492 -29.02 -16.56 -27.07
CA PHE B 492 -28.12 -15.44 -27.28
C PHE B 492 -28.23 -14.95 -28.73
N ARG B 493 -28.10 -15.89 -29.66
CA ARG B 493 -28.21 -15.56 -31.09
C ARG B 493 -29.58 -15.01 -31.42
N ASP B 494 -30.61 -15.47 -30.72
CA ASP B 494 -31.96 -14.97 -30.95
C ASP B 494 -32.02 -13.48 -30.60
N GLU B 495 -31.46 -13.10 -29.46
CA GLU B 495 -31.49 -11.69 -29.07
C GLU B 495 -30.64 -10.84 -30.01
N MET B 496 -29.47 -11.34 -30.37
CA MET B 496 -28.58 -10.58 -31.24
C MET B 496 -29.17 -10.45 -32.63
N ASP B 497 -29.95 -11.45 -33.06
CA ASP B 497 -30.67 -11.34 -34.32
C ASP B 497 -31.71 -10.23 -34.25
N ARG B 498 -32.30 -10.03 -33.07
CA ARG B 498 -33.30 -8.99 -32.90
C ARG B 498 -32.63 -7.62 -32.95
N TRP B 499 -31.47 -7.49 -32.31
CA TRP B 499 -30.71 -6.25 -32.39
C TRP B 499 -30.26 -5.97 -33.82
N LYS B 500 -29.83 -7.02 -34.52
CA LYS B 500 -29.39 -6.88 -35.90
C LYS B 500 -30.51 -6.37 -36.78
N ALA B 501 -31.71 -6.86 -36.54
CA ALA B 501 -32.86 -6.52 -37.36
C ALA B 501 -33.33 -5.08 -37.14
N LYS B 502 -32.89 -4.47 -36.04
CA LYS B 502 -33.24 -3.08 -35.76
C LYS B 502 -32.43 -2.13 -36.65
N GLU B 503 -31.31 -2.63 -37.16
CA GLU B 503 -30.44 -1.87 -38.06
C GLU B 503 -30.12 -0.49 -37.50
N LEU B 504 -29.66 -0.46 -36.26
CA LEU B 504 -29.39 0.79 -35.54
C LEU B 504 -28.15 1.51 -36.03
N ASN B 505 -27.28 0.77 -36.71
CA ASN B 505 -26.04 1.34 -37.25
C ASN B 505 -25.19 1.98 -36.15
N VAL B 506 -25.07 1.29 -35.02
CA VAL B 506 -24.19 1.72 -33.93
C VAL B 506 -23.33 0.56 -33.47
N PRO B 507 -22.16 0.87 -32.87
CA PRO B 507 -21.34 -0.22 -32.34
C PRO B 507 -21.98 -0.83 -31.12
N PHE B 508 -21.83 -2.13 -30.96
CA PHE B 508 -22.22 -2.84 -29.74
C PHE B 508 -20.94 -3.31 -29.05
N VAL B 509 -20.87 -3.13 -27.74
CA VAL B 509 -19.75 -3.61 -26.95
C VAL B 509 -20.29 -4.44 -25.82
N PHE B 510 -19.77 -5.65 -25.64
CA PHE B 510 -20.18 -6.44 -24.48
C PHE B 510 -19.37 -6.01 -23.28
N THR B 511 -20.03 -5.46 -22.28
CA THR B 511 -19.31 -4.91 -21.13
C THR B 511 -19.32 -5.86 -19.96
N GLU B 512 -20.13 -6.93 -20.04
CA GLU B 512 -20.07 -8.00 -19.07
C GLU B 512 -20.46 -9.31 -19.69
N PHE B 513 -19.71 -10.34 -19.33
CA PHE B 513 -20.03 -11.74 -19.60
C PHE B 513 -18.99 -12.50 -18.79
N GLY B 514 -19.39 -13.61 -18.17
CA GLY B 514 -18.49 -14.34 -17.31
C GLY B 514 -19.20 -15.42 -16.51
N THR B 515 -18.41 -16.24 -15.82
CA THR B 515 -18.94 -17.32 -14.99
C THR B 515 -18.22 -17.30 -13.67
N ASP B 516 -18.92 -17.54 -12.57
CA ASP B 516 -18.17 -17.72 -11.33
C ASP B 516 -17.31 -18.96 -11.46
N THR B 517 -16.06 -18.84 -11.05
CA THR B 517 -15.08 -19.88 -11.30
C THR B 517 -14.17 -20.02 -10.08
N MET B 518 -14.24 -21.17 -9.40
CA MET B 518 -13.37 -21.36 -8.24
C MET B 518 -12.02 -21.87 -8.70
N ALA B 519 -10.95 -21.11 -8.46
CA ALA B 519 -9.61 -21.57 -8.77
C ALA B 519 -9.40 -22.97 -8.18
N GLY B 520 -8.97 -23.90 -9.02
CA GLY B 520 -8.72 -25.26 -8.57
C GLY B 520 -9.88 -26.22 -8.65
N LEU B 521 -11.07 -25.72 -8.98
CA LEU B 521 -12.19 -26.63 -9.20
C LEU B 521 -12.11 -27.11 -10.62
N HIS B 522 -11.73 -28.38 -10.78
CA HIS B 522 -11.61 -29.00 -12.09
C HIS B 522 -12.65 -30.07 -12.25
N LYS B 523 -13.24 -30.18 -13.43
CA LYS B 523 -14.18 -31.28 -13.69
C LYS B 523 -14.22 -31.62 -15.16
N LEU B 524 -14.32 -32.91 -15.43
CA LEU B 524 -14.45 -33.46 -16.77
C LEU B 524 -15.57 -34.50 -16.77
N PRO B 525 -16.69 -34.21 -17.47
CA PRO B 525 -16.98 -32.95 -18.18
C PRO B 525 -17.15 -31.78 -17.22
N SER B 526 -17.04 -30.58 -17.76
CA SER B 526 -17.06 -29.37 -16.95
C SER B 526 -18.39 -29.17 -16.24
N ILE B 527 -18.35 -28.45 -15.13
CA ILE B 527 -19.55 -28.00 -14.44
C ILE B 527 -19.48 -26.51 -14.20
N MET B 528 -20.63 -25.88 -14.11
CA MET B 528 -20.66 -24.51 -13.63
C MET B 528 -19.84 -24.43 -12.34
N TRP B 529 -19.00 -23.38 -12.27
CA TRP B 529 -18.03 -23.05 -11.22
C TRP B 529 -16.64 -23.65 -11.46
N SER B 530 -16.50 -24.60 -12.40
CA SER B 530 -15.17 -25.13 -12.70
C SER B 530 -14.38 -24.23 -13.65
N GLU B 531 -13.05 -24.41 -13.64
CA GLU B 531 -12.17 -23.65 -14.53
C GLU B 531 -12.44 -24.02 -15.99
N GLU B 532 -12.76 -25.29 -16.23
CA GLU B 532 -13.04 -25.75 -17.58
C GLU B 532 -14.32 -25.15 -18.14
N TYR B 533 -15.33 -24.97 -17.29
CA TYR B 533 -16.59 -24.38 -17.75
C TYR B 533 -16.37 -22.92 -18.12
N GLN B 534 -15.53 -22.23 -17.37
CA GLN B 534 -15.23 -20.83 -17.68
C GLN B 534 -14.67 -20.74 -19.11
N LYS B 535 -13.76 -21.66 -19.44
CA LYS B 535 -13.20 -21.71 -20.80
C LYS B 535 -14.28 -21.97 -21.86
N GLU B 536 -15.10 -23.00 -21.64
CA GLU B 536 -16.13 -23.36 -22.60
C GLU B 536 -17.17 -22.25 -22.78
N TYR B 537 -17.54 -21.62 -21.68
CA TYR B 537 -18.47 -20.48 -21.73
C TYR B 537 -17.92 -19.35 -22.58
N LEU B 538 -16.65 -19.02 -22.37
CA LEU B 538 -16.04 -17.95 -23.15
C LEU B 538 -15.99 -18.32 -24.63
N GLU B 539 -15.66 -19.57 -24.93
CA GLU B 539 -15.56 -19.99 -26.32
C GLU B 539 -16.90 -19.84 -27.01
N MET B 540 -17.98 -20.17 -26.31
CA MET B 540 -19.31 -20.08 -26.88
C MET B 540 -19.66 -18.63 -27.14
N ASN B 541 -19.37 -17.79 -26.14
CA ASN B 541 -19.67 -16.36 -26.26
C ASN B 541 -18.92 -15.76 -27.43
N PHE B 542 -17.64 -16.11 -27.59
CA PHE B 542 -16.87 -15.61 -28.73
C PHE B 542 -17.50 -15.98 -30.06
N ARG B 543 -17.99 -17.23 -30.18
CA ARG B 543 -18.62 -17.66 -31.42
C ARG B 543 -19.80 -16.75 -31.73
N VAL B 544 -20.56 -16.39 -30.70
CA VAL B 544 -21.72 -15.52 -30.91
C VAL B 544 -21.26 -14.10 -31.26
N PHE B 545 -20.33 -13.54 -30.50
CA PHE B 545 -19.81 -12.19 -30.78
C PHE B 545 -19.39 -12.06 -32.24
N ASP B 546 -18.62 -13.04 -32.69
CA ASP B 546 -17.99 -13.00 -34.01
C ASP B 546 -18.98 -13.21 -35.14
N SER B 547 -20.25 -13.49 -34.79
CA SER B 547 -21.28 -13.69 -35.81
C SER B 547 -21.97 -12.39 -36.21
N TYR B 548 -21.60 -11.28 -35.58
CA TYR B 548 -22.29 -10.01 -35.83
C TYR B 548 -21.28 -8.91 -36.09
N GLU B 549 -21.41 -8.29 -37.27
CA GLU B 549 -20.44 -7.29 -37.70
C GLU B 549 -20.42 -6.09 -36.76
N PHE B 550 -21.57 -5.76 -36.17
CA PHE B 550 -21.66 -4.53 -35.40
C PHE B 550 -21.06 -4.65 -34.00
N VAL B 551 -20.64 -5.85 -33.61
CA VAL B 551 -19.95 -5.99 -32.33
C VAL B 551 -18.55 -5.40 -32.48
N GLN B 552 -18.17 -4.56 -31.54
CA GLN B 552 -16.95 -3.77 -31.69
C GLN B 552 -16.10 -3.80 -30.42
N GLY B 553 -16.46 -4.67 -29.49
CA GLY B 553 -15.68 -4.75 -28.28
C GLY B 553 -16.17 -5.80 -27.34
N GLU B 554 -15.27 -6.30 -26.50
CA GLU B 554 -15.61 -7.29 -25.51
C GLU B 554 -14.80 -7.01 -24.25
N LEU B 555 -15.51 -6.65 -23.18
CA LEU B 555 -14.87 -6.44 -21.88
C LEU B 555 -15.45 -7.47 -20.93
N ALA B 556 -14.62 -8.43 -20.53
CA ALA B 556 -15.09 -9.54 -19.72
C ALA B 556 -15.33 -9.11 -18.28
N TRP B 557 -16.30 -9.76 -17.65
CA TRP B 557 -16.57 -9.58 -16.23
C TRP B 557 -16.02 -10.80 -15.50
N ASN B 558 -15.01 -10.67 -14.63
CA ASN B 558 -14.32 -9.44 -14.24
C ASN B 558 -12.82 -9.71 -14.44
N PHE B 559 -11.99 -8.67 -14.41
CA PHE B 559 -10.56 -8.87 -14.39
C PHE B 559 -10.13 -9.81 -13.25
N ALA B 560 -10.64 -9.54 -12.05
CA ALA B 560 -10.21 -10.32 -10.88
C ALA B 560 -11.36 -10.56 -9.91
N ASP B 561 -11.32 -11.70 -9.22
CA ASP B 561 -12.25 -11.96 -8.13
C ASP B 561 -12.25 -10.78 -7.18
N PHE B 562 -13.43 -10.41 -6.69
CA PHE B 562 -13.55 -9.24 -5.84
C PHE B 562 -14.60 -9.39 -4.74
N GLN B 563 -14.53 -8.53 -3.72
CA GLN B 563 -15.41 -8.72 -2.56
C GLN B 563 -16.83 -8.24 -2.79
N THR B 564 -17.81 -9.03 -2.35
CA THR B 564 -19.22 -8.65 -2.35
C THR B 564 -19.79 -8.76 -0.96
N THR B 565 -21.03 -8.30 -0.80
CA THR B 565 -21.86 -8.64 0.33
C THR B 565 -21.93 -10.17 0.48
N GLU B 566 -21.94 -10.64 1.71
CA GLU B 566 -22.15 -12.07 1.98
C GLU B 566 -23.50 -12.53 1.52
N GLY B 567 -23.58 -13.77 1.08
CA GLY B 567 -24.85 -14.37 0.73
C GLY B 567 -24.71 -15.77 0.23
N ILE B 568 -25.85 -16.42 -0.03
CA ILE B 568 -25.83 -17.80 -0.48
C ILE B 568 -25.40 -17.91 -1.94
N MET B 569 -25.24 -16.78 -2.62
CA MET B 569 -24.84 -16.84 -4.02
C MET B 569 -23.41 -16.34 -4.23
N ARG B 570 -22.74 -15.98 -3.15
CA ARG B 570 -21.39 -15.42 -3.22
C ARG B 570 -20.42 -16.15 -2.29
N VAL B 571 -19.48 -16.89 -2.88
CA VAL B 571 -18.54 -17.69 -2.11
C VAL B 571 -17.28 -16.88 -1.85
N ASP B 572 -17.28 -16.14 -0.75
CA ASP B 572 -16.23 -15.15 -0.49
C ASP B 572 -16.11 -14.24 -1.70
N GLY B 573 -17.16 -13.46 -1.93
CA GLY B 573 -17.19 -12.50 -3.01
C GLY B 573 -17.57 -13.09 -4.35
N ASN B 574 -17.25 -12.35 -5.40
CA ASN B 574 -17.61 -12.68 -6.77
C ASN B 574 -16.40 -13.34 -7.43
N HIS B 575 -16.60 -14.55 -7.97
CA HIS B 575 -15.49 -15.31 -8.54
C HIS B 575 -15.53 -15.37 -10.06
N LYS B 576 -16.13 -14.35 -10.69
CA LYS B 576 -16.10 -14.28 -12.14
C LYS B 576 -14.78 -13.72 -12.68
N GLY B 577 -13.81 -13.50 -11.79
CA GLY B 577 -12.49 -13.08 -12.21
C GLY B 577 -11.85 -14.06 -13.17
N VAL B 578 -11.10 -13.50 -14.08
CA VAL B 578 -10.21 -14.24 -14.94
C VAL B 578 -8.89 -14.47 -14.17
N PHE B 579 -8.61 -13.53 -13.26
CA PHE B 579 -7.53 -13.64 -12.29
C PHE B 579 -8.10 -13.81 -10.89
N THR B 580 -7.32 -14.43 -10.00
CA THR B 580 -7.71 -14.53 -8.60
C THR B 580 -7.60 -13.14 -7.97
N ARG B 581 -8.08 -13.00 -6.75
CA ARG B 581 -8.00 -11.70 -6.08
C ARG B 581 -6.55 -11.28 -5.83
N ASP B 582 -5.65 -12.25 -5.63
CA ASP B 582 -4.24 -11.91 -5.47
C ASP B 582 -3.51 -11.90 -6.83
N ARG B 583 -4.31 -11.79 -7.90
CA ARG B 583 -3.84 -11.43 -9.24
C ARG B 583 -3.04 -12.52 -9.93
N GLN B 584 -3.54 -13.75 -9.88
CA GLN B 584 -2.93 -14.88 -10.58
C GLN B 584 -3.95 -15.48 -11.55
N PRO B 585 -3.48 -15.94 -12.72
CA PRO B 585 -4.42 -16.31 -13.78
C PRO B 585 -5.08 -17.68 -13.57
N LYS B 586 -6.39 -17.73 -13.75
CA LYS B 586 -7.10 -19.00 -13.90
C LYS B 586 -6.85 -19.52 -15.31
N ALA B 587 -7.31 -20.74 -15.60
CA ALA B 587 -7.11 -21.32 -16.93
C ALA B 587 -7.64 -20.42 -18.05
N ALA B 588 -8.76 -19.76 -17.80
CA ALA B 588 -9.42 -18.96 -18.84
C ALA B 588 -8.61 -17.73 -19.25
N ALA B 589 -7.68 -17.29 -18.41
CA ALA B 589 -6.86 -16.12 -18.76
C ALA B 589 -6.09 -16.36 -20.06
N VAL B 590 -5.62 -17.58 -20.27
CA VAL B 590 -4.87 -17.89 -21.49
C VAL B 590 -5.77 -17.85 -22.72
N VAL B 591 -7.05 -18.15 -22.51
CA VAL B 591 -8.00 -18.14 -23.61
C VAL B 591 -8.10 -16.71 -24.14
N PHE B 592 -8.22 -15.75 -23.24
CA PHE B 592 -8.21 -14.34 -23.63
C PHE B 592 -6.88 -13.96 -24.29
N LYS B 593 -5.79 -14.34 -23.65
CA LYS B 593 -4.46 -13.99 -24.16
C LYS B 593 -4.30 -14.43 -25.61
N ASP B 594 -4.67 -15.66 -25.91
CA ASP B 594 -4.50 -16.21 -27.24
C ASP B 594 -5.43 -15.52 -28.25
N ARG B 595 -6.66 -15.22 -27.83
CA ARG B 595 -7.63 -14.61 -28.73
C ARG B 595 -7.26 -13.17 -29.08
N TRP B 596 -6.79 -12.44 -28.08
CA TRP B 596 -6.53 -11.01 -28.23
C TRP B 596 -5.17 -10.71 -28.85
N GLU B 597 -4.28 -11.71 -28.87
CA GLU B 597 -2.97 -11.55 -29.48
C GLU B 597 -3.11 -11.08 -30.92
N CKX C . 14.56 -21.88 10.48
C10 CKX C . 15.29 -26.12 11.14
C2 CKX C . 14.76 -20.53 9.97
C3 CKX C . 13.52 -20.02 9.22
C4 CKX C . 12.95 -21.07 8.26
C5 CKX C . 12.61 -22.31 9.09
C6 CKX C . 11.88 -23.31 8.25
C7 CKX C . 13.96 -22.86 9.58
C8 CKX C . 13.89 -24.22 10.26
C9 CKX C . 15.29 -24.67 10.71
O3 CKX C . 13.87 -18.84 8.50
O4 CKX C . 11.81 -20.55 7.56
O61 CKX C . 10.65 -23.34 8.22
O62 CKX C . 12.57 -24.15 7.48
N CKX D . -23.91 -7.18 -13.36
C10 CKX D . -26.89 -10.08 -14.78
C2 CKX D . -23.35 -6.08 -12.59
C3 CKX D . -22.08 -6.53 -11.85
C4 CKX D . -22.29 -7.86 -11.14
C5 CKX D . -22.71 -8.90 -12.16
C6 CKX D . -22.73 -10.28 -11.55
C7 CKX D . -24.08 -8.46 -12.69
C8 CKX D . -24.76 -9.44 -13.63
C9 CKX D . -26.15 -8.98 -14.04
O3 CKX D . -21.72 -5.52 -10.91
O4 CKX D . -21.09 -8.27 -10.43
O61 CKX D . -23.84 -10.71 -10.96
O62 CKX D . -21.73 -10.99 -11.56
#